data_3T7T
#
_entry.id   3T7T
#
_cell.length_a   73.979
_cell.length_b   107.048
_cell.length_c   133.099
_cell.angle_alpha   90.00
_cell.angle_beta   90.00
_cell.angle_gamma   90.00
#
_symmetry.space_group_name_H-M   'P 21 21 21'
#
loop_
_entity.id
_entity.type
_entity.pdbx_description
1 polymer 'Putative methyltransferase'
2 non-polymer S-ADENOSYL-L-HOMOCYSTEINE
3 water water
#
_entity_poly.entity_id   1
_entity_poly.type   'polypeptide(L)'
_entity_poly.pdbx_seq_one_letter_code
;MHHHHHHNNDNNTILGFDVNLICDFFLNTERQGPGSPEVTLKALSFIDNLTNKSLIADLGCGTGGQTMILAQHVPGKITG
IDFFPGFIERFNKNAEKLNLQNRVKGIVGSMDDLSFEKDSLDLIWSEGAIYNIGFERGLKEWRNYLKPGGYLAVSESVWF
TDQRPAEIHDFWMSAYTEIDTVPNKVAQIQKAGYIPVATFILPENCWIEHYFAPQAKAEEIFRRKHAGSRIVEELITSNH
HEAELYSKYKAYYGYAFFICKKGFSLRR
;
_entity_poly.pdbx_strand_id   A,B,C,D
#
# COMPACT_ATOMS: atom_id res chain seq x y z
N ASN A 20 -50.83 38.50 13.68
CA ASN A 20 -50.12 37.71 12.62
C ASN A 20 -49.60 38.61 11.48
N LEU A 21 -48.54 39.36 11.81
CA LEU A 21 -47.85 40.29 10.90
C LEU A 21 -46.56 39.64 10.39
N ILE A 22 -46.36 38.36 10.71
CA ILE A 22 -45.20 37.61 10.27
C ILE A 22 -45.20 37.70 8.75
N CYS A 23 -46.42 37.74 8.20
CA CYS A 23 -46.63 37.83 6.76
C CYS A 23 -46.09 39.17 6.27
N ASP A 24 -46.65 40.25 6.81
CA ASP A 24 -46.25 41.61 6.46
C ASP A 24 -44.74 41.77 6.28
N PHE A 25 -43.97 41.26 7.23
CA PHE A 25 -42.52 41.37 7.19
C PHE A 25 -41.90 40.75 5.95
N PHE A 26 -42.30 39.51 5.68
CA PHE A 26 -41.79 38.77 4.55
C PHE A 26 -42.28 39.28 3.19
N LEU A 27 -43.24 40.21 3.23
CA LEU A 27 -43.76 40.80 2.00
C LEU A 27 -42.73 41.78 1.49
N ASN A 28 -41.89 42.28 2.40
CA ASN A 28 -40.83 43.21 2.05
C ASN A 28 -39.51 42.46 1.75
N THR A 29 -39.64 41.27 1.17
CA THR A 29 -38.44 40.51 0.85
C THR A 29 -38.57 39.72 -0.46
N GLU A 30 -37.44 39.55 -1.14
CA GLU A 30 -37.38 38.80 -2.38
C GLU A 30 -37.93 37.36 -2.21
N ARG A 31 -37.67 36.74 -1.04
CA ARG A 31 -38.09 35.35 -0.73
C ARG A 31 -38.17 35.07 0.78
N GLN A 32 -38.99 34.10 1.21
CA GLN A 32 -39.07 33.78 2.65
C GLN A 32 -38.16 32.65 3.08
N GLY A 33 -37.43 32.07 2.14
CA GLY A 33 -36.54 30.97 2.48
C GLY A 33 -35.29 30.95 1.64
N PRO A 34 -34.27 30.18 2.05
CA PRO A 34 -33.01 30.09 1.31
C PRO A 34 -33.25 29.76 -0.16
N GLY A 35 -32.40 30.29 -1.02
CA GLY A 35 -32.53 30.04 -2.44
C GLY A 35 -31.82 31.10 -3.27
N SER A 36 -31.96 31.03 -4.58
CA SER A 36 -31.33 32.00 -5.46
C SER A 36 -31.63 31.64 -6.90
N PRO A 37 -31.55 32.62 -7.81
CA PRO A 37 -31.83 32.33 -9.22
C PRO A 37 -31.00 31.17 -9.81
N GLU A 38 -29.68 31.20 -9.60
CA GLU A 38 -28.84 30.13 -10.12
C GLU A 38 -29.30 28.76 -9.65
N VAL A 39 -29.69 28.68 -8.39
CA VAL A 39 -30.12 27.43 -7.80
C VAL A 39 -31.44 26.96 -8.41
N THR A 40 -32.40 27.86 -8.57
CA THR A 40 -33.69 27.51 -9.17
C THR A 40 -33.47 27.04 -10.62
N LEU A 41 -32.60 27.74 -11.34
CA LEU A 41 -32.30 27.40 -12.74
C LEU A 41 -31.50 26.12 -12.86
N LYS A 42 -30.57 25.91 -11.94
CA LYS A 42 -29.74 24.71 -11.91
C LYS A 42 -30.64 23.49 -11.72
N ALA A 43 -31.67 23.63 -10.89
CA ALA A 43 -32.58 22.53 -10.63
C ALA A 43 -33.47 22.33 -11.84
N LEU A 44 -33.81 23.43 -12.50
CA LEU A 44 -34.65 23.38 -13.67
C LEU A 44 -33.88 22.65 -14.78
N SER A 45 -32.56 22.81 -14.79
CA SER A 45 -31.70 22.20 -15.79
C SER A 45 -31.83 20.68 -15.87
N PHE A 46 -32.43 20.09 -14.84
CA PHE A 46 -32.58 18.63 -14.80
C PHE A 46 -33.93 18.12 -15.28
N ILE A 47 -34.86 19.02 -15.55
CA ILE A 47 -36.18 18.63 -16.03
C ILE A 47 -36.23 18.76 -17.55
N ASP A 48 -36.38 17.63 -18.23
CA ASP A 48 -36.37 17.59 -19.70
C ASP A 48 -37.68 17.24 -20.39
N ASN A 49 -38.82 17.42 -19.70
CA ASN A 49 -40.12 17.05 -20.28
C ASN A 49 -41.06 18.22 -20.56
N LEU A 50 -40.62 19.44 -20.29
CA LEU A 50 -41.49 20.59 -20.45
C LEU A 50 -41.71 21.16 -21.86
N THR A 51 -42.96 21.53 -22.12
CA THR A 51 -43.37 22.12 -23.40
C THR A 51 -44.44 23.17 -23.08
N ASN A 52 -45.01 23.76 -24.11
CA ASN A 52 -46.03 24.79 -23.93
C ASN A 52 -47.36 24.20 -23.45
N LYS A 53 -47.44 22.88 -23.35
CA LYS A 53 -48.68 22.25 -22.91
C LYS A 53 -48.55 21.68 -21.50
N SER A 54 -47.38 21.87 -20.91
CA SER A 54 -47.08 21.39 -19.57
C SER A 54 -47.84 22.13 -18.51
N LEU A 55 -48.32 21.38 -17.53
CA LEU A 55 -49.03 21.99 -16.43
C LEU A 55 -48.05 21.88 -15.25
N ILE A 56 -47.72 23.04 -14.68
CA ILE A 56 -46.77 23.16 -13.58
C ILE A 56 -47.44 23.74 -12.33
N ALA A 57 -47.02 23.24 -11.18
CA ALA A 57 -47.52 23.76 -9.92
C ALA A 57 -46.33 24.01 -8.99
N ASP A 58 -46.39 25.14 -8.28
CA ASP A 58 -45.35 25.51 -7.35
C ASP A 58 -46.07 25.60 -6.01
N LEU A 59 -45.74 24.67 -5.11
CA LEU A 59 -46.39 24.60 -3.79
C LEU A 59 -45.62 25.38 -2.71
N GLY A 60 -46.34 26.27 -2.04
CA GLY A 60 -45.74 27.08 -1.00
C GLY A 60 -44.82 28.06 -1.70
N CYS A 61 -45.39 28.74 -2.69
CA CYS A 61 -44.68 29.70 -3.53
C CYS A 61 -44.36 31.04 -2.89
N GLY A 62 -44.89 31.29 -1.69
CA GLY A 62 -44.63 32.57 -1.06
C GLY A 62 -44.98 33.68 -2.05
N THR A 63 -44.13 34.71 -2.15
CA THR A 63 -44.40 35.81 -3.07
C THR A 63 -44.24 35.43 -4.54
N GLY A 64 -43.75 34.22 -4.79
CA GLY A 64 -43.59 33.77 -6.17
C GLY A 64 -42.31 34.22 -6.83
N GLY A 65 -41.27 34.51 -6.03
CA GLY A 65 -40.00 34.93 -6.58
C GLY A 65 -39.36 33.88 -7.47
N GLN A 66 -39.28 32.65 -6.96
CA GLN A 66 -38.70 31.58 -7.74
C GLN A 66 -39.69 31.20 -8.84
N THR A 67 -40.96 31.41 -8.58
CA THR A 67 -41.97 31.09 -9.57
C THR A 67 -41.83 31.98 -10.82
N MET A 68 -41.40 33.22 -10.64
CA MET A 68 -41.25 34.12 -11.80
C MET A 68 -40.00 33.80 -12.61
N ILE A 69 -38.93 33.45 -11.90
CA ILE A 69 -37.68 33.08 -12.53
C ILE A 69 -37.94 31.80 -13.29
N LEU A 70 -38.74 30.94 -12.69
CA LEU A 70 -39.08 29.68 -13.32
C LEU A 70 -39.90 29.94 -14.58
N ALA A 71 -41.00 30.68 -14.44
CA ALA A 71 -41.87 30.98 -15.57
C ALA A 71 -41.15 31.65 -16.75
N GLN A 72 -40.07 32.37 -16.47
CA GLN A 72 -39.30 33.04 -17.52
C GLN A 72 -38.30 32.13 -18.24
N HIS A 73 -38.20 30.87 -17.81
CA HIS A 73 -37.27 29.97 -18.46
C HIS A 73 -37.87 28.63 -18.89
N VAL A 74 -39.17 28.48 -18.74
CA VAL A 74 -39.81 27.26 -19.15
C VAL A 74 -41.17 27.59 -19.76
N PRO A 75 -41.66 26.74 -20.68
CA PRO A 75 -42.95 26.99 -21.31
C PRO A 75 -44.08 26.31 -20.50
N GLY A 76 -45.32 26.68 -20.75
CA GLY A 76 -46.42 26.06 -20.02
C GLY A 76 -47.02 26.93 -18.94
N LYS A 77 -48.19 26.52 -18.45
CA LYS A 77 -48.88 27.28 -17.42
C LYS A 77 -48.49 26.81 -16.02
N ILE A 78 -48.25 27.77 -15.14
CA ILE A 78 -47.87 27.47 -13.77
C ILE A 78 -48.95 27.98 -12.82
N THR A 79 -49.14 27.25 -11.74
CA THR A 79 -50.10 27.61 -10.71
C THR A 79 -49.37 27.59 -9.38
N GLY A 80 -49.25 28.77 -8.79
CA GLY A 80 -48.61 28.88 -7.50
C GLY A 80 -49.71 28.72 -6.47
N ILE A 81 -49.37 28.12 -5.34
CA ILE A 81 -50.31 27.91 -4.26
C ILE A 81 -49.68 28.27 -2.92
N ASP A 82 -50.36 29.10 -2.13
CA ASP A 82 -49.80 29.43 -0.85
C ASP A 82 -50.90 29.67 0.17
N PHE A 83 -50.58 29.41 1.42
CA PHE A 83 -51.54 29.58 2.50
C PHE A 83 -51.85 31.05 2.82
N PHE A 84 -50.84 31.92 2.79
CA PHE A 84 -51.04 33.33 3.09
C PHE A 84 -51.61 34.13 1.89
N PRO A 85 -52.83 34.71 2.05
CA PRO A 85 -53.43 35.49 0.96
C PRO A 85 -52.52 36.67 0.58
N GLY A 86 -51.84 37.22 1.58
CA GLY A 86 -50.94 38.34 1.35
C GLY A 86 -49.88 38.03 0.31
N PHE A 87 -49.37 36.80 0.31
CA PHE A 87 -48.36 36.41 -0.67
C PHE A 87 -48.97 36.21 -2.06
N ILE A 88 -50.16 35.64 -2.11
CA ILE A 88 -50.82 35.41 -3.39
C ILE A 88 -51.15 36.72 -4.07
N GLU A 89 -51.48 37.72 -3.27
CA GLU A 89 -51.83 39.04 -3.78
C GLU A 89 -50.59 39.69 -4.42
N ARG A 90 -49.43 39.54 -3.78
CA ARG A 90 -48.18 40.10 -4.31
C ARG A 90 -47.76 39.26 -5.51
N PHE A 91 -48.08 37.97 -5.46
CA PHE A 91 -47.76 37.03 -6.54
C PHE A 91 -48.43 37.47 -7.85
N ASN A 92 -49.73 37.71 -7.82
CA ASN A 92 -50.43 38.09 -9.03
C ASN A 92 -50.09 39.50 -9.47
N LYS A 93 -49.91 40.39 -8.50
CA LYS A 93 -49.56 41.74 -8.86
C LYS A 93 -48.23 41.74 -9.59
N ASN A 94 -47.28 40.96 -9.11
CA ASN A 94 -45.96 40.85 -9.73
C ASN A 94 -46.08 40.17 -11.08
N ALA A 95 -46.90 39.13 -11.13
CA ALA A 95 -47.09 38.42 -12.37
C ALA A 95 -47.55 39.45 -13.38
N GLU A 96 -48.48 40.31 -12.95
CA GLU A 96 -49.03 41.35 -13.81
C GLU A 96 -48.00 42.30 -14.42
N LYS A 97 -47.12 42.85 -13.59
CA LYS A 97 -46.09 43.75 -14.07
C LYS A 97 -45.23 43.05 -15.11
N LEU A 98 -44.99 41.75 -14.91
CA LEU A 98 -44.17 40.96 -15.81
C LEU A 98 -44.94 40.42 -17.01
N ASN A 99 -46.24 40.67 -17.05
CA ASN A 99 -47.07 40.20 -18.16
C ASN A 99 -47.33 38.71 -18.22
N LEU A 100 -46.84 37.96 -17.24
CA LEU A 100 -47.02 36.51 -17.23
C LEU A 100 -48.39 36.11 -16.70
N GLN A 101 -49.18 37.09 -16.25
CA GLN A 101 -50.49 36.82 -15.68
C GLN A 101 -51.37 35.83 -16.45
N ASN A 102 -51.10 35.69 -17.73
CA ASN A 102 -51.88 34.77 -18.54
C ASN A 102 -51.55 33.30 -18.25
N ARG A 103 -50.26 33.02 -18.10
CA ARG A 103 -49.79 31.67 -17.84
C ARG A 103 -49.23 31.43 -16.44
N VAL A 104 -49.43 32.38 -15.54
CA VAL A 104 -48.95 32.26 -14.17
C VAL A 104 -49.96 32.83 -13.19
N LYS A 105 -50.77 31.97 -12.59
CA LYS A 105 -51.79 32.45 -11.66
C LYS A 105 -51.59 32.01 -10.20
N GLY A 106 -51.76 32.97 -9.28
CA GLY A 106 -51.61 32.72 -7.85
C GLY A 106 -52.92 32.26 -7.24
N ILE A 107 -52.83 31.31 -6.33
CA ILE A 107 -54.00 30.74 -5.72
C ILE A 107 -53.82 30.42 -4.24
N VAL A 108 -54.76 30.89 -3.42
CA VAL A 108 -54.67 30.65 -1.98
C VAL A 108 -55.17 29.25 -1.64
N GLY A 109 -54.25 28.35 -1.28
CA GLY A 109 -54.63 27.00 -0.95
C GLY A 109 -53.67 26.38 0.05
N SER A 110 -53.76 25.06 0.23
CA SER A 110 -52.88 24.36 1.16
C SER A 110 -52.36 23.09 0.51
N MET A 111 -51.10 22.77 0.75
CA MET A 111 -50.44 21.59 0.17
C MET A 111 -51.06 20.28 0.62
N ASP A 112 -51.72 20.29 1.77
CA ASP A 112 -52.34 19.06 2.28
C ASP A 112 -53.78 18.85 1.81
N ASP A 113 -54.31 19.83 1.07
CA ASP A 113 -55.67 19.77 0.55
C ASP A 113 -55.76 20.33 -0.88
N LEU A 114 -55.09 19.67 -1.82
CA LEU A 114 -55.09 20.10 -3.21
C LEU A 114 -56.26 19.58 -4.04
N SER A 115 -56.62 20.34 -5.07
CA SER A 115 -57.75 20.01 -5.95
C SER A 115 -57.33 19.66 -7.39
N PHE A 116 -56.05 19.44 -7.60
CA PHE A 116 -55.54 19.11 -8.93
C PHE A 116 -56.03 17.76 -9.42
N GLU A 117 -56.43 17.71 -10.69
CA GLU A 117 -56.90 16.47 -11.30
C GLU A 117 -55.79 15.45 -11.08
N LYS A 118 -56.17 14.20 -10.78
CA LYS A 118 -55.19 13.15 -10.56
C LYS A 118 -54.27 13.00 -11.78
N ASP A 119 -53.01 12.64 -11.53
CA ASP A 119 -51.97 12.47 -12.57
C ASP A 119 -52.05 13.47 -13.71
N SER A 120 -52.31 14.75 -13.38
CA SER A 120 -52.45 15.79 -14.39
C SER A 120 -51.31 16.81 -14.50
N LEU A 121 -50.33 16.72 -13.60
CA LEU A 121 -49.23 17.68 -13.64
C LEU A 121 -47.93 17.07 -14.18
N ASP A 122 -47.12 17.92 -14.83
CA ASP A 122 -45.84 17.51 -15.41
C ASP A 122 -44.72 17.90 -14.43
N LEU A 123 -44.97 18.96 -13.68
CA LEU A 123 -43.96 19.41 -12.74
C LEU A 123 -44.54 19.99 -11.47
N ILE A 124 -44.02 19.55 -10.32
CA ILE A 124 -44.43 20.08 -9.03
C ILE A 124 -43.17 20.65 -8.37
N TRP A 125 -43.19 21.96 -8.19
CA TRP A 125 -42.08 22.71 -7.60
C TRP A 125 -42.34 23.10 -6.16
N SER A 126 -41.30 23.20 -5.36
CA SER A 126 -41.49 23.62 -3.98
C SER A 126 -40.17 23.87 -3.32
N GLU A 127 -39.88 25.15 -3.09
CA GLU A 127 -38.65 25.52 -2.43
C GLU A 127 -38.90 25.94 -1.01
N GLY A 128 -38.23 25.25 -0.09
CA GLY A 128 -38.33 25.54 1.32
C GLY A 128 -39.75 25.70 1.80
N ALA A 129 -40.61 24.76 1.41
CA ALA A 129 -42.00 24.82 1.80
C ALA A 129 -42.58 23.47 2.14
N ILE A 130 -41.91 22.41 1.70
CA ILE A 130 -42.43 21.05 1.95
C ILE A 130 -42.44 20.61 3.40
N TYR A 131 -41.73 21.33 4.27
CA TYR A 131 -41.69 20.98 5.69
C TYR A 131 -43.02 21.18 6.37
N ASN A 132 -43.86 22.04 5.80
CA ASN A 132 -45.19 22.31 6.37
C ASN A 132 -46.07 21.05 6.39
N ILE A 133 -45.86 20.16 5.42
CA ILE A 133 -46.65 18.94 5.30
C ILE A 133 -45.81 17.70 5.58
N GLY A 134 -44.49 17.85 5.55
CA GLY A 134 -43.60 16.72 5.78
C GLY A 134 -42.99 16.18 4.51
N PHE A 135 -41.70 15.86 4.53
CA PHE A 135 -41.01 15.35 3.36
C PHE A 135 -41.66 14.11 2.76
N GLU A 136 -41.66 13.01 3.52
CA GLU A 136 -42.27 11.75 3.09
C GLU A 136 -43.75 11.89 2.74
N ARG A 137 -44.49 12.64 3.55
CA ARG A 137 -45.91 12.83 3.30
C ARG A 137 -46.10 13.48 1.92
N GLY A 138 -45.33 14.52 1.65
CA GLY A 138 -45.44 15.19 0.38
C GLY A 138 -45.10 14.25 -0.76
N LEU A 139 -43.97 13.57 -0.66
CA LEU A 139 -43.57 12.65 -1.70
C LEU A 139 -44.73 11.70 -1.99
N LYS A 140 -45.39 11.27 -0.93
CA LYS A 140 -46.50 10.32 -1.05
C LYS A 140 -47.71 10.92 -1.74
N GLU A 141 -48.26 11.97 -1.13
CA GLU A 141 -49.46 12.60 -1.63
C GLU A 141 -49.36 13.31 -2.95
N TRP A 142 -48.35 14.17 -3.11
CA TRP A 142 -48.21 14.92 -4.34
C TRP A 142 -48.03 14.01 -5.54
N ARG A 143 -47.52 12.81 -5.27
CA ARG A 143 -47.29 11.84 -6.31
C ARG A 143 -48.53 11.61 -7.16
N ASN A 144 -49.68 11.64 -6.50
CA ASN A 144 -50.96 11.40 -7.15
C ASN A 144 -51.41 12.49 -8.10
N TYR A 145 -50.68 13.60 -8.14
CA TYR A 145 -51.06 14.69 -9.02
C TYR A 145 -50.10 14.81 -10.19
N LEU A 146 -49.20 13.82 -10.32
CA LEU A 146 -48.20 13.81 -11.37
C LEU A 146 -48.43 12.79 -12.48
N LYS A 147 -48.16 13.23 -13.70
CA LYS A 147 -48.26 12.36 -14.85
C LYS A 147 -47.07 11.43 -14.70
N PRO A 148 -47.23 10.13 -15.00
CA PRO A 148 -46.06 9.23 -14.87
C PRO A 148 -44.93 9.84 -15.69
N GLY A 149 -43.72 9.83 -15.15
CA GLY A 149 -42.60 10.42 -15.85
C GLY A 149 -42.55 11.91 -15.57
N GLY A 150 -43.48 12.37 -14.74
CA GLY A 150 -43.54 13.77 -14.37
C GLY A 150 -42.51 14.00 -13.29
N TYR A 151 -42.16 15.26 -13.05
CA TYR A 151 -41.15 15.59 -12.06
C TYR A 151 -41.60 16.30 -10.80
N LEU A 152 -40.81 16.13 -9.74
CA LEU A 152 -41.08 16.76 -8.47
C LEU A 152 -39.75 17.35 -8.00
N ALA A 153 -39.69 18.66 -7.90
CA ALA A 153 -38.47 19.34 -7.46
C ALA A 153 -38.72 20.11 -6.18
N VAL A 154 -37.99 19.79 -5.13
CA VAL A 154 -38.19 20.47 -3.84
C VAL A 154 -36.88 20.72 -3.11
N SER A 155 -36.79 21.86 -2.44
CA SER A 155 -35.59 22.13 -1.64
C SER A 155 -36.01 21.82 -0.19
N GLU A 156 -35.14 21.16 0.56
CA GLU A 156 -35.45 20.77 1.92
C GLU A 156 -34.25 20.88 2.85
N SER A 157 -34.53 21.09 4.14
CA SER A 157 -33.45 21.20 5.11
C SER A 157 -32.83 19.81 5.29
N VAL A 158 -31.51 19.75 5.34
CA VAL A 158 -30.80 18.47 5.49
C VAL A 158 -29.59 18.56 6.43
N TRP A 159 -29.12 17.41 6.89
CA TRP A 159 -27.92 17.34 7.74
C TRP A 159 -26.78 16.98 6.77
N PHE A 160 -25.63 17.64 6.91
CA PHE A 160 -24.53 17.32 6.01
C PHE A 160 -23.70 16.14 6.51
N THR A 161 -23.87 15.79 7.78
CA THR A 161 -23.11 14.69 8.36
C THR A 161 -23.96 13.84 9.30
N ASP A 162 -23.35 12.77 9.82
CA ASP A 162 -24.06 11.88 10.73
C ASP A 162 -23.90 12.34 12.18
N GLN A 163 -23.13 13.39 12.38
CA GLN A 163 -22.87 13.91 13.73
C GLN A 163 -22.91 15.44 13.76
N ARG A 164 -23.73 16.01 14.63
CA ARG A 164 -23.80 17.47 14.74
C ARG A 164 -23.78 17.87 16.21
N PRO A 165 -23.45 19.13 16.50
CA PRO A 165 -23.42 19.56 17.90
C PRO A 165 -24.87 19.53 18.45
N ALA A 166 -25.01 19.64 19.76
CA ALA A 166 -26.32 19.62 20.41
C ALA A 166 -27.12 20.89 20.19
N GLU A 167 -26.45 22.04 20.21
CA GLU A 167 -27.15 23.32 20.04
C GLU A 167 -28.00 23.32 18.77
N ILE A 168 -27.35 23.10 17.64
CA ILE A 168 -28.05 23.08 16.35
C ILE A 168 -29.06 21.95 16.24
N HIS A 169 -28.71 20.78 16.76
CA HIS A 169 -29.57 19.62 16.70
C HIS A 169 -30.91 19.80 17.41
N ASP A 170 -30.87 20.29 18.64
CA ASP A 170 -32.10 20.50 19.40
C ASP A 170 -32.87 21.69 18.86
N PHE A 171 -32.16 22.62 18.24
CA PHE A 171 -32.82 23.77 17.64
C PHE A 171 -33.70 23.26 16.51
N TRP A 172 -33.17 22.31 15.75
CA TRP A 172 -33.88 21.73 14.64
C TRP A 172 -34.94 20.72 15.04
N MET A 173 -34.85 20.24 16.26
CA MET A 173 -35.84 19.26 16.74
C MET A 173 -37.04 20.03 17.29
N SER A 174 -36.87 21.34 17.41
CA SER A 174 -37.92 22.19 17.92
C SER A 174 -38.69 22.86 16.78
N ALA A 175 -38.07 22.96 15.61
CA ALA A 175 -38.69 23.60 14.45
C ALA A 175 -39.22 22.61 13.42
N TYR A 176 -38.33 21.76 12.92
CA TYR A 176 -38.68 20.75 11.91
C TYR A 176 -37.98 19.46 12.32
N THR A 177 -38.76 18.51 12.83
CA THR A 177 -38.21 17.22 13.28
C THR A 177 -37.80 16.28 12.15
N GLU A 178 -38.35 16.50 10.96
CA GLU A 178 -38.04 15.65 9.82
C GLU A 178 -36.73 15.95 9.09
N ILE A 179 -35.98 16.93 9.56
CA ILE A 179 -34.69 17.22 8.93
C ILE A 179 -33.95 15.89 8.99
N ASP A 180 -33.22 15.57 7.93
CA ASP A 180 -32.51 14.30 7.90
C ASP A 180 -31.32 14.41 6.94
N THR A 181 -30.47 13.38 6.92
CA THR A 181 -29.30 13.32 6.07
C THR A 181 -29.67 13.17 4.59
N VAL A 182 -28.77 13.56 3.70
CA VAL A 182 -29.04 13.44 2.28
C VAL A 182 -29.33 12.00 1.86
N PRO A 183 -28.59 11.02 2.40
CA PRO A 183 -28.79 9.60 2.07
C PRO A 183 -30.19 9.10 2.46
N ASN A 184 -30.68 9.51 3.62
CA ASN A 184 -32.01 9.10 4.04
C ASN A 184 -33.05 9.74 3.15
N LYS A 185 -32.87 11.03 2.87
CA LYS A 185 -33.81 11.73 2.02
C LYS A 185 -33.92 11.01 0.68
N VAL A 186 -32.78 10.68 0.09
CA VAL A 186 -32.74 10.00 -1.20
C VAL A 186 -33.46 8.65 -1.24
N ALA A 187 -33.22 7.79 -0.26
CA ALA A 187 -33.87 6.47 -0.22
C ALA A 187 -35.37 6.60 -0.07
N GLN A 188 -35.80 7.63 0.66
CA GLN A 188 -37.23 7.88 0.87
C GLN A 188 -37.88 8.21 -0.48
N ILE A 189 -37.15 8.96 -1.29
CA ILE A 189 -37.60 9.34 -2.62
C ILE A 189 -37.78 8.07 -3.47
N GLN A 190 -36.82 7.15 -3.38
CA GLN A 190 -36.87 5.90 -4.13
C GLN A 190 -38.05 5.11 -3.59
N LYS A 191 -38.10 4.98 -2.27
CA LYS A 191 -39.19 4.27 -1.60
C LYS A 191 -40.56 4.80 -2.02
N ALA A 192 -40.72 6.12 -2.04
CA ALA A 192 -42.00 6.73 -2.44
C ALA A 192 -42.37 6.47 -3.89
N GLY A 193 -41.55 5.71 -4.60
CA GLY A 193 -41.88 5.42 -5.98
C GLY A 193 -41.46 6.46 -7.02
N TYR A 194 -40.25 6.98 -6.88
CA TYR A 194 -39.69 7.94 -7.84
C TYR A 194 -38.26 7.50 -8.13
N ILE A 195 -37.62 8.19 -9.05
CA ILE A 195 -36.23 7.90 -9.35
C ILE A 195 -35.53 9.17 -8.90
N PRO A 196 -34.55 9.08 -7.99
CA PRO A 196 -33.84 10.26 -7.53
C PRO A 196 -32.93 10.76 -8.66
N VAL A 197 -33.51 11.50 -9.60
CA VAL A 197 -32.80 12.03 -10.77
C VAL A 197 -31.63 12.98 -10.50
N ALA A 198 -31.82 13.93 -9.61
CA ALA A 198 -30.74 14.87 -9.29
C ALA A 198 -30.84 15.36 -7.85
N THR A 199 -29.69 15.56 -7.22
CA THR A 199 -29.66 15.99 -5.84
C THR A 199 -28.45 16.83 -5.56
N PHE A 200 -28.63 18.12 -5.29
CA PHE A 200 -27.49 18.98 -4.97
C PHE A 200 -27.74 19.88 -3.77
N ILE A 201 -26.69 20.05 -2.97
CA ILE A 201 -26.76 20.89 -1.78
C ILE A 201 -26.61 22.36 -2.21
N LEU A 202 -27.36 23.24 -1.56
CA LEU A 202 -27.32 24.65 -1.90
C LEU A 202 -26.12 25.37 -1.34
N PRO A 203 -25.55 26.31 -2.10
CA PRO A 203 -24.39 27.13 -1.70
C PRO A 203 -24.76 28.03 -0.51
N GLU A 204 -23.78 28.32 0.34
CA GLU A 204 -24.03 29.13 1.52
C GLU A 204 -24.60 30.50 1.22
N ASN A 205 -24.28 31.05 0.04
CA ASN A 205 -24.78 32.37 -0.32
C ASN A 205 -26.31 32.36 -0.50
N CYS A 206 -26.90 31.18 -0.48
CA CYS A 206 -28.36 31.08 -0.59
C CYS A 206 -29.05 31.47 0.72
N TRP A 207 -28.32 31.33 1.83
CA TRP A 207 -28.82 31.67 3.15
C TRP A 207 -28.40 33.08 3.50
N ILE A 208 -27.09 33.32 3.51
CA ILE A 208 -26.53 34.60 3.86
C ILE A 208 -26.92 35.73 2.89
N GLU A 209 -26.44 35.62 1.64
CA GLU A 209 -26.68 36.61 0.59
C GLU A 209 -28.13 36.85 0.22
N HIS A 210 -28.82 35.76 -0.13
CA HIS A 210 -30.21 35.85 -0.60
C HIS A 210 -31.32 35.72 0.44
N TYR A 211 -30.97 35.45 1.69
CA TYR A 211 -31.99 35.28 2.71
C TYR A 211 -31.82 36.11 3.98
N PHE A 212 -30.77 35.84 4.73
CA PHE A 212 -30.52 36.58 5.97
C PHE A 212 -30.21 38.06 5.76
N ALA A 213 -29.38 38.37 4.76
CA ALA A 213 -29.02 39.76 4.48
C ALA A 213 -30.20 40.63 4.10
N PRO A 214 -30.98 40.25 3.05
CA PRO A 214 -32.13 41.08 2.67
C PRO A 214 -33.02 41.35 3.87
N GLN A 215 -33.04 40.39 4.80
CA GLN A 215 -33.80 40.49 6.02
C GLN A 215 -33.32 41.60 6.93
N ALA A 216 -32.14 42.15 6.63
CA ALA A 216 -31.57 43.23 7.42
C ALA A 216 -32.40 44.51 7.23
N LYS A 217 -32.26 45.16 6.07
CA LYS A 217 -33.00 46.38 5.79
C LYS A 217 -34.47 46.26 6.11
N ALA A 218 -35.06 45.12 5.76
CA ALA A 218 -36.47 44.89 5.99
C ALA A 218 -36.85 45.22 7.42
N GLU A 219 -36.01 44.78 8.36
CA GLU A 219 -36.24 44.96 9.80
C GLU A 219 -36.32 46.39 10.30
N GLU A 220 -35.32 47.20 9.98
CA GLU A 220 -35.32 48.59 10.40
C GLU A 220 -36.66 49.25 10.03
N ILE A 221 -37.08 49.06 8.79
CA ILE A 221 -38.34 49.65 8.31
C ILE A 221 -39.56 49.01 8.95
N PHE A 222 -39.55 47.69 9.06
CA PHE A 222 -40.68 46.99 9.64
C PHE A 222 -40.82 47.44 11.09
N ARG A 223 -39.81 47.15 11.90
CA ARG A 223 -39.78 47.52 13.31
C ARG A 223 -40.27 48.93 13.64
N ARG A 224 -39.91 49.92 12.83
CA ARG A 224 -40.35 51.29 13.10
C ARG A 224 -41.78 51.53 12.67
N LYS A 225 -42.18 50.99 11.53
CA LYS A 225 -43.56 51.14 11.08
C LYS A 225 -44.48 50.60 12.18
N HIS A 226 -44.07 49.50 12.80
CA HIS A 226 -44.86 48.89 13.86
C HIS A 226 -44.26 49.03 15.26
N ALA A 227 -43.72 50.20 15.54
CA ALA A 227 -43.12 50.44 16.84
C ALA A 227 -44.08 50.03 17.95
N GLY A 228 -43.60 49.19 18.87
CA GLY A 228 -44.43 48.76 19.99
C GLY A 228 -45.12 47.42 19.83
N SER A 229 -45.22 46.93 18.60
CA SER A 229 -45.86 45.65 18.33
C SER A 229 -45.01 44.53 18.90
N ARG A 230 -45.51 43.91 19.97
CA ARG A 230 -44.81 42.86 20.68
C ARG A 230 -44.38 41.72 19.74
N ILE A 231 -45.25 41.37 18.79
CA ILE A 231 -44.96 40.32 17.82
C ILE A 231 -43.74 40.65 16.96
N VAL A 232 -43.63 41.91 16.55
CA VAL A 232 -42.50 42.38 15.76
C VAL A 232 -41.17 42.25 16.52
N GLU A 233 -41.11 42.86 17.70
CA GLU A 233 -39.91 42.82 18.52
C GLU A 233 -39.35 41.41 18.68
N GLU A 234 -40.24 40.41 18.62
CA GLU A 234 -39.84 39.02 18.77
C GLU A 234 -39.50 38.35 17.45
N LEU A 235 -40.23 38.73 16.40
CA LEU A 235 -39.96 38.17 15.09
C LEU A 235 -38.52 38.49 14.76
N ILE A 236 -38.11 39.73 15.05
CA ILE A 236 -36.75 40.17 14.78
C ILE A 236 -35.77 39.29 15.56
N THR A 237 -36.21 38.83 16.73
CA THR A 237 -35.35 38.02 17.57
C THR A 237 -35.22 36.60 17.06
N SER A 238 -36.29 36.11 16.43
CA SER A 238 -36.26 34.76 15.89
C SER A 238 -35.29 34.74 14.71
N ASN A 239 -35.44 35.72 13.83
CA ASN A 239 -34.58 35.81 12.68
C ASN A 239 -33.13 35.98 13.08
N HIS A 240 -32.89 36.86 14.04
CA HIS A 240 -31.52 37.09 14.47
C HIS A 240 -30.93 35.82 15.12
N HIS A 241 -31.78 34.95 15.68
CA HIS A 241 -31.24 33.75 16.29
C HIS A 241 -30.92 32.70 15.25
N GLU A 242 -31.78 32.59 14.25
CA GLU A 242 -31.55 31.63 13.19
C GLU A 242 -30.25 31.99 12.45
N ALA A 243 -30.07 33.25 12.10
CA ALA A 243 -28.88 33.70 11.39
C ALA A 243 -27.63 33.31 12.16
N GLU A 244 -27.68 33.48 13.48
CA GLU A 244 -26.54 33.14 14.34
C GLU A 244 -26.22 31.65 14.30
N LEU A 245 -27.25 30.83 14.45
CA LEU A 245 -27.05 29.39 14.42
C LEU A 245 -26.45 28.98 13.09
N TYR A 246 -26.89 29.64 12.01
CA TYR A 246 -26.35 29.30 10.71
C TYR A 246 -24.90 29.69 10.58
N SER A 247 -24.57 30.91 10.97
CA SER A 247 -23.19 31.39 10.87
C SER A 247 -22.22 30.58 11.72
N LYS A 248 -22.76 29.80 12.65
CA LYS A 248 -21.95 28.98 13.50
C LYS A 248 -21.98 27.49 13.15
N TYR A 249 -23.09 27.01 12.59
CA TYR A 249 -23.20 25.58 12.25
C TYR A 249 -23.44 25.26 10.78
N LYS A 250 -23.21 26.25 9.92
CA LYS A 250 -23.41 26.08 8.48
C LYS A 250 -22.71 24.85 7.92
N ALA A 251 -21.73 24.32 8.65
CA ALA A 251 -21.01 23.16 8.18
C ALA A 251 -21.75 21.84 8.39
N TYR A 252 -22.76 21.85 9.25
CA TYR A 252 -23.52 20.63 9.53
C TYR A 252 -24.87 20.55 8.84
N TYR A 253 -25.37 21.68 8.36
CA TYR A 253 -26.68 21.68 7.72
C TYR A 253 -26.89 22.76 6.65
N GLY A 254 -27.99 22.63 5.92
CA GLY A 254 -28.34 23.57 4.89
C GLY A 254 -29.57 23.06 4.17
N TYR A 255 -29.69 23.41 2.90
CA TYR A 255 -30.80 22.97 2.07
C TYR A 255 -30.22 22.12 0.95
N ALA A 256 -31.01 21.15 0.51
CA ALA A 256 -30.61 20.29 -0.59
C ALA A 256 -31.81 20.33 -1.52
N PHE A 257 -31.54 20.31 -2.82
CA PHE A 257 -32.60 20.34 -3.82
C PHE A 257 -32.74 18.92 -4.34
N PHE A 258 -33.98 18.47 -4.53
CA PHE A 258 -34.23 17.12 -5.01
C PHE A 258 -35.14 17.09 -6.23
N ILE A 259 -34.66 16.50 -7.31
CA ILE A 259 -35.46 16.39 -8.54
C ILE A 259 -35.82 14.93 -8.67
N CYS A 260 -37.11 14.67 -8.53
CA CYS A 260 -37.63 13.31 -8.56
C CYS A 260 -38.57 13.09 -9.73
N LYS A 261 -38.44 11.93 -10.36
CA LYS A 261 -39.24 11.56 -11.50
C LYS A 261 -40.15 10.38 -11.11
N LYS A 262 -41.45 10.60 -11.21
CA LYS A 262 -42.45 9.58 -10.86
C LYS A 262 -42.27 8.29 -11.66
N GLY A 263 -42.20 7.17 -10.96
CA GLY A 263 -41.98 5.85 -11.55
C GLY A 263 -42.97 5.16 -12.48
N PHE A 264 -42.97 3.82 -12.44
CA PHE A 264 -43.83 2.97 -13.29
C PHE A 264 -43.68 3.31 -14.79
N ASN B 20 -5.23 -9.13 -27.37
CA ASN B 20 -6.02 -8.04 -26.73
C ASN B 20 -6.20 -6.80 -27.62
N LEU B 21 -7.21 -6.85 -28.49
CA LEU B 21 -7.46 -5.72 -29.39
C LEU B 21 -8.58 -4.80 -28.88
N ILE B 22 -9.19 -5.15 -27.76
CA ILE B 22 -10.24 -4.32 -27.17
C ILE B 22 -9.73 -2.89 -27.01
N CYS B 23 -8.43 -2.75 -26.73
CA CYS B 23 -7.79 -1.44 -26.57
C CYS B 23 -7.77 -0.75 -27.93
N ASP B 24 -7.25 -1.46 -28.93
CA ASP B 24 -7.12 -0.93 -30.28
C ASP B 24 -8.44 -0.35 -30.80
N PHE B 25 -9.53 -1.04 -30.51
CA PHE B 25 -10.85 -0.62 -30.94
C PHE B 25 -11.25 0.72 -30.34
N PHE B 26 -11.12 0.80 -29.01
CA PHE B 26 -11.50 2.02 -28.29
C PHE B 26 -10.57 3.18 -28.58
N LEU B 27 -9.41 2.88 -29.15
CA LEU B 27 -8.45 3.92 -29.49
C LEU B 27 -9.01 4.85 -30.56
N ASN B 28 -9.95 4.35 -31.36
CA ASN B 28 -10.55 5.18 -32.41
C ASN B 28 -11.93 5.73 -32.01
N THR B 29 -12.10 5.98 -30.71
CA THR B 29 -13.37 6.48 -30.20
C THR B 29 -13.14 7.72 -29.33
N GLU B 30 -14.18 8.55 -29.17
CA GLU B 30 -14.07 9.74 -28.35
C GLU B 30 -13.87 9.38 -26.88
N ARG B 31 -14.60 8.35 -26.43
CA ARG B 31 -14.53 7.92 -25.03
C ARG B 31 -14.81 6.42 -24.89
N GLN B 32 -14.20 5.77 -23.89
CA GLN B 32 -14.47 4.34 -23.72
C GLN B 32 -15.63 4.10 -22.75
N GLY B 33 -16.39 5.15 -22.46
CA GLY B 33 -17.53 5.01 -21.57
C GLY B 33 -18.59 6.08 -21.70
N PRO B 34 -19.80 5.85 -21.18
CA PRO B 34 -20.90 6.83 -21.25
C PRO B 34 -20.52 8.21 -20.68
N GLY B 35 -21.04 9.26 -21.32
CA GLY B 35 -20.75 10.61 -20.87
C GLY B 35 -20.90 11.64 -21.99
N SER B 36 -20.49 12.86 -21.72
CA SER B 36 -20.56 13.93 -22.69
C SER B 36 -20.01 15.20 -22.09
N PRO B 37 -19.64 16.17 -22.94
CA PRO B 37 -19.10 17.44 -22.43
C PRO B 37 -20.08 18.10 -21.45
N GLU B 38 -21.35 18.16 -21.82
CA GLU B 38 -22.35 18.79 -20.97
C GLU B 38 -22.30 18.18 -19.57
N VAL B 39 -22.25 16.86 -19.51
CA VAL B 39 -22.23 16.15 -18.23
C VAL B 39 -20.94 16.44 -17.45
N THR B 40 -19.79 16.44 -18.13
CA THR B 40 -18.53 16.73 -17.46
C THR B 40 -18.58 18.15 -16.94
N LEU B 41 -19.19 19.05 -17.69
CA LEU B 41 -19.26 20.42 -17.25
C LEU B 41 -20.37 20.63 -16.21
N LYS B 42 -21.34 19.73 -16.14
CA LYS B 42 -22.39 19.88 -15.14
C LYS B 42 -21.80 19.43 -13.80
N ALA B 43 -21.11 18.30 -13.81
CA ALA B 43 -20.48 17.80 -12.59
C ALA B 43 -19.49 18.86 -12.10
N LEU B 44 -18.71 19.39 -13.03
CA LEU B 44 -17.70 20.40 -12.75
C LEU B 44 -18.32 21.61 -12.05
N SER B 45 -19.50 22.00 -12.48
CA SER B 45 -20.19 23.16 -11.92
C SER B 45 -20.42 23.07 -10.41
N PHE B 46 -20.24 21.89 -9.85
CA PHE B 46 -20.42 21.74 -8.41
C PHE B 46 -19.11 21.84 -7.63
N ILE B 47 -17.98 21.78 -8.34
CA ILE B 47 -16.68 21.92 -7.69
C ILE B 47 -16.35 23.42 -7.61
N ASP B 48 -16.28 23.96 -6.39
CA ASP B 48 -15.99 25.38 -6.19
C ASP B 48 -14.70 25.74 -5.43
N ASN B 49 -13.69 24.88 -5.44
CA ASN B 49 -12.44 25.15 -4.71
C ASN B 49 -11.20 25.34 -5.58
N LEU B 50 -11.32 25.01 -6.86
CA LEU B 50 -10.21 25.09 -7.79
C LEU B 50 -9.62 26.45 -8.06
N THR B 51 -8.30 26.45 -8.23
CA THR B 51 -7.48 27.64 -8.49
C THR B 51 -6.33 27.18 -9.38
N ASN B 52 -5.41 28.07 -9.75
CA ASN B 52 -4.29 27.69 -10.62
C ASN B 52 -3.24 26.82 -9.92
N LYS B 53 -3.28 26.77 -8.58
CA LYS B 53 -2.33 25.97 -7.80
C LYS B 53 -2.96 24.61 -7.42
N SER B 54 -4.15 24.34 -7.95
CA SER B 54 -4.86 23.10 -7.65
C SER B 54 -4.24 21.87 -8.31
N LEU B 55 -4.19 20.77 -7.57
CA LEU B 55 -3.64 19.53 -8.10
C LEU B 55 -4.83 18.61 -8.40
N ILE B 56 -4.92 18.15 -9.64
CA ILE B 56 -6.02 17.29 -10.04
C ILE B 56 -5.57 15.96 -10.65
N ALA B 57 -6.33 14.92 -10.38
CA ALA B 57 -6.05 13.58 -10.89
C ALA B 57 -7.29 12.97 -11.58
N ASP B 58 -7.11 12.43 -12.77
CA ASP B 58 -8.20 11.78 -13.48
C ASP B 58 -7.84 10.30 -13.56
N LEU B 59 -8.47 9.48 -12.72
CA LEU B 59 -8.19 8.05 -12.68
C LEU B 59 -9.03 7.25 -13.65
N GLY B 60 -8.36 6.41 -14.46
CA GLY B 60 -9.05 5.60 -15.46
C GLY B 60 -9.47 6.53 -16.59
N CYS B 61 -8.54 7.40 -16.95
CA CYS B 61 -8.74 8.43 -17.96
C CYS B 61 -8.89 8.00 -19.41
N GLY B 62 -8.60 6.74 -19.72
CA GLY B 62 -8.71 6.30 -21.10
C GLY B 62 -7.92 7.28 -21.95
N THR B 63 -8.43 7.62 -23.12
CA THR B 63 -7.69 8.53 -23.97
C THR B 63 -7.81 9.98 -23.54
N GLY B 64 -8.47 10.24 -22.42
CA GLY B 64 -8.59 11.61 -21.93
C GLY B 64 -9.61 12.55 -22.56
N GLY B 65 -10.68 11.99 -23.12
CA GLY B 65 -11.72 12.81 -23.72
C GLY B 65 -12.29 13.80 -22.73
N GLN B 66 -12.67 13.31 -21.55
CA GLN B 66 -13.23 14.17 -20.52
C GLN B 66 -12.14 14.96 -19.82
N THR B 67 -10.94 14.39 -19.76
CA THR B 67 -9.81 15.05 -19.10
C THR B 67 -9.53 16.39 -19.77
N MET B 68 -9.62 16.41 -21.10
CA MET B 68 -9.36 17.64 -21.89
C MET B 68 -10.44 18.68 -21.70
N ILE B 69 -11.70 18.26 -21.73
CA ILE B 69 -12.80 19.20 -21.54
C ILE B 69 -12.63 19.80 -20.15
N LEU B 70 -12.36 18.93 -19.18
CA LEU B 70 -12.15 19.36 -17.80
C LEU B 70 -10.99 20.33 -17.77
N ALA B 71 -9.93 20.02 -18.52
CA ALA B 71 -8.75 20.87 -18.59
C ALA B 71 -9.11 22.28 -19.07
N GLN B 72 -9.78 22.32 -20.21
CA GLN B 72 -10.18 23.57 -20.86
C GLN B 72 -11.24 24.37 -20.11
N HIS B 73 -11.54 23.98 -18.87
CA HIS B 73 -12.57 24.71 -18.11
C HIS B 73 -12.24 24.98 -16.66
N VAL B 74 -11.10 24.48 -16.19
CA VAL B 74 -10.70 24.70 -14.81
C VAL B 74 -9.20 24.93 -14.78
N PRO B 75 -8.71 25.68 -13.78
CA PRO B 75 -7.28 25.94 -13.66
C PRO B 75 -6.57 24.81 -12.90
N GLY B 76 -5.24 24.79 -12.94
CA GLY B 76 -4.53 23.74 -12.25
C GLY B 76 -3.96 22.67 -13.15
N LYS B 77 -3.09 21.85 -12.58
CA LYS B 77 -2.44 20.76 -13.30
C LYS B 77 -3.27 19.50 -13.09
N ILE B 78 -3.37 18.70 -14.14
CA ILE B 78 -4.14 17.46 -14.14
C ILE B 78 -3.25 16.29 -14.52
N THR B 79 -3.36 15.20 -13.76
CA THR B 79 -2.59 14.01 -14.04
C THR B 79 -3.55 12.90 -14.42
N GLY B 80 -3.49 12.46 -15.68
CA GLY B 80 -4.35 11.38 -16.10
C GLY B 80 -3.62 10.08 -15.83
N ILE B 81 -4.36 9.09 -15.33
CA ILE B 81 -3.78 7.79 -15.02
C ILE B 81 -4.63 6.68 -15.62
N ASP B 82 -3.99 5.82 -16.40
CA ASP B 82 -4.70 4.70 -16.99
C ASP B 82 -3.82 3.44 -17.04
N PHE B 83 -4.47 2.29 -17.18
CA PHE B 83 -3.74 1.03 -17.23
C PHE B 83 -3.18 0.69 -18.62
N PHE B 84 -3.95 0.92 -19.69
CA PHE B 84 -3.53 0.62 -21.08
C PHE B 84 -2.56 1.69 -21.61
N PRO B 85 -1.31 1.31 -21.93
CA PRO B 85 -0.33 2.27 -22.45
C PRO B 85 -0.80 2.98 -23.72
N GLY B 86 -1.51 2.26 -24.58
CA GLY B 86 -1.98 2.86 -25.80
C GLY B 86 -2.91 4.03 -25.55
N PHE B 87 -3.62 4.01 -24.44
CA PHE B 87 -4.55 5.09 -24.10
C PHE B 87 -3.80 6.32 -23.61
N ILE B 88 -2.76 6.09 -22.83
CA ILE B 88 -1.95 7.19 -22.30
C ILE B 88 -1.17 7.84 -23.43
N GLU B 89 -0.70 7.02 -24.37
CA GLU B 89 0.03 7.55 -25.49
C GLU B 89 -0.89 8.51 -26.22
N ARG B 90 -2.10 8.06 -26.51
CA ARG B 90 -3.07 8.91 -27.20
C ARG B 90 -3.32 10.16 -26.37
N PHE B 91 -3.66 9.96 -25.10
CA PHE B 91 -3.93 11.04 -24.14
C PHE B 91 -2.87 12.14 -24.22
N ASN B 92 -1.59 11.75 -24.11
CA ASN B 92 -0.51 12.72 -24.16
C ASN B 92 -0.39 13.34 -25.57
N LYS B 93 -0.77 12.56 -26.58
CA LYS B 93 -0.70 13.05 -27.94
C LYS B 93 -1.81 14.08 -28.19
N ASN B 94 -2.99 13.86 -27.62
CA ASN B 94 -4.09 14.81 -27.82
C ASN B 94 -3.85 16.08 -27.01
N ALA B 95 -3.14 15.93 -25.90
CA ALA B 95 -2.81 17.05 -25.03
C ALA B 95 -1.83 17.94 -25.76
N GLU B 96 -0.97 17.33 -26.56
CA GLU B 96 0.02 18.09 -27.32
C GLU B 96 -0.68 18.94 -28.36
N LYS B 97 -1.68 18.38 -29.02
CA LYS B 97 -2.42 19.11 -30.05
C LYS B 97 -3.22 20.25 -29.44
N LEU B 98 -3.50 20.14 -28.15
CA LEU B 98 -4.28 21.17 -27.50
C LEU B 98 -3.42 22.17 -26.75
N ASN B 99 -2.11 21.92 -26.73
CA ASN B 99 -1.17 22.79 -26.03
C ASN B 99 -1.37 22.76 -24.53
N LEU B 100 -1.94 21.67 -24.04
CA LEU B 100 -2.18 21.51 -22.61
C LEU B 100 -1.12 20.62 -21.95
N GLN B 101 -0.22 20.03 -22.73
CA GLN B 101 0.78 19.13 -22.17
C GLN B 101 1.58 19.74 -21.03
N ASN B 102 1.52 21.06 -20.90
CA ASN B 102 2.24 21.72 -19.84
C ASN B 102 1.49 21.67 -18.50
N ARG B 103 0.20 21.37 -18.53
CA ARG B 103 -0.57 21.26 -17.28
C ARG B 103 -1.39 19.98 -17.23
N VAL B 104 -1.37 19.25 -18.33
CA VAL B 104 -2.09 17.99 -18.43
C VAL B 104 -1.06 16.96 -18.85
N LYS B 105 -0.88 15.90 -18.05
CA LYS B 105 0.09 14.85 -18.42
C LYS B 105 -0.49 13.48 -18.10
N GLY B 106 -0.30 12.54 -19.02
CA GLY B 106 -0.84 11.21 -18.84
C GLY B 106 0.20 10.22 -18.36
N ILE B 107 -0.19 9.39 -17.40
CA ILE B 107 0.71 8.39 -16.83
C ILE B 107 0.12 6.99 -16.85
N VAL B 108 0.97 6.00 -17.08
CA VAL B 108 0.50 4.61 -17.05
C VAL B 108 0.58 4.17 -15.59
N GLY B 109 -0.53 3.69 -15.06
CA GLY B 109 -0.59 3.25 -13.67
C GLY B 109 -1.92 2.57 -13.32
N SER B 110 -2.04 2.11 -12.07
CA SER B 110 -3.25 1.44 -11.60
C SER B 110 -3.93 2.20 -10.46
N MET B 111 -5.25 2.25 -10.47
CA MET B 111 -6.02 2.97 -9.45
C MET B 111 -5.84 2.43 -8.04
N ASP B 112 -5.40 1.18 -7.93
CA ASP B 112 -5.21 0.55 -6.64
C ASP B 112 -3.79 0.66 -6.16
N ASP B 113 -2.95 1.32 -6.95
CA ASP B 113 -1.56 1.49 -6.58
C ASP B 113 -1.05 2.87 -6.99
N LEU B 114 -1.63 3.90 -6.36
CA LEU B 114 -1.26 5.29 -6.62
C LEU B 114 -0.15 5.69 -5.65
N SER B 115 0.71 6.59 -6.11
CA SER B 115 1.83 7.06 -5.31
C SER B 115 1.62 8.52 -4.94
N PHE B 116 0.37 8.96 -5.01
CA PHE B 116 0.06 10.34 -4.69
C PHE B 116 0.35 10.63 -3.22
N GLU B 117 0.93 11.80 -2.96
CA GLU B 117 1.21 12.18 -1.59
C GLU B 117 -0.10 12.31 -0.82
N LYS B 118 -0.14 11.77 0.40
CA LYS B 118 -1.35 11.84 1.20
C LYS B 118 -1.92 13.26 1.37
N ASP B 119 -3.24 13.38 1.25
CA ASP B 119 -3.94 14.66 1.37
C ASP B 119 -3.42 15.80 0.49
N SER B 120 -2.94 15.47 -0.70
CA SER B 120 -2.40 16.51 -1.59
C SER B 120 -3.27 16.90 -2.79
N LEU B 121 -4.34 16.16 -3.04
CA LEU B 121 -5.17 16.49 -4.19
C LEU B 121 -6.44 17.29 -3.90
N ASP B 122 -6.73 18.24 -4.79
CA ASP B 122 -7.91 19.08 -4.67
C ASP B 122 -9.12 18.40 -5.31
N LEU B 123 -8.87 17.66 -6.39
CA LEU B 123 -9.95 16.99 -7.11
C LEU B 123 -9.56 15.66 -7.73
N ILE B 124 -10.36 14.62 -7.49
CA ILE B 124 -10.08 13.33 -8.12
C ILE B 124 -11.27 13.06 -9.02
N TRP B 125 -10.97 12.88 -10.30
CA TRP B 125 -11.99 12.64 -11.30
C TRP B 125 -11.89 11.19 -11.76
N SER B 126 -13.03 10.61 -12.10
CA SER B 126 -13.05 9.24 -12.59
C SER B 126 -14.38 8.97 -13.27
N GLU B 127 -14.37 8.90 -14.60
CA GLU B 127 -15.59 8.63 -15.31
C GLU B 127 -15.58 7.21 -15.86
N GLY B 128 -16.61 6.46 -15.47
CA GLY B 128 -16.77 5.10 -15.91
C GLY B 128 -15.59 4.17 -15.72
N ALA B 129 -14.91 4.29 -14.58
CA ALA B 129 -13.77 3.43 -14.36
C ALA B 129 -13.50 3.08 -12.91
N ILE B 130 -14.33 3.57 -12.00
CA ILE B 130 -14.13 3.26 -10.59
C ILE B 130 -14.54 1.82 -10.35
N TYR B 131 -15.25 1.24 -11.30
CA TYR B 131 -15.71 -0.15 -11.16
C TYR B 131 -14.54 -1.12 -11.24
N ASN B 132 -13.44 -0.67 -11.82
CA ASN B 132 -12.28 -1.54 -11.94
C ASN B 132 -11.73 -1.87 -10.56
N ILE B 133 -11.85 -0.95 -9.60
CA ILE B 133 -11.39 -1.19 -8.23
C ILE B 133 -12.54 -1.43 -7.26
N GLY B 134 -13.74 -0.98 -7.62
CA GLY B 134 -14.88 -1.16 -6.74
C GLY B 134 -15.28 0.15 -6.09
N PHE B 135 -16.54 0.55 -6.27
CA PHE B 135 -17.03 1.80 -5.73
C PHE B 135 -16.62 2.08 -4.29
N GLU B 136 -17.10 1.25 -3.37
CA GLU B 136 -16.78 1.42 -1.97
C GLU B 136 -15.30 1.45 -1.67
N ARG B 137 -14.56 0.59 -2.36
CA ARG B 137 -13.12 0.54 -2.18
C ARG B 137 -12.52 1.85 -2.66
N GLY B 138 -12.97 2.32 -3.82
CA GLY B 138 -12.50 3.58 -4.37
C GLY B 138 -12.70 4.70 -3.35
N LEU B 139 -13.92 4.83 -2.85
CA LEU B 139 -14.22 5.86 -1.85
C LEU B 139 -13.26 5.82 -0.68
N LYS B 140 -13.05 4.63 -0.14
CA LYS B 140 -12.19 4.44 1.02
C LYS B 140 -10.72 4.80 0.79
N GLU B 141 -10.12 4.19 -0.22
CA GLU B 141 -8.72 4.40 -0.54
C GLU B 141 -8.37 5.75 -1.16
N TRP B 142 -9.17 6.23 -2.11
CA TRP B 142 -8.85 7.49 -2.75
C TRP B 142 -8.93 8.69 -1.84
N ARG B 143 -9.70 8.55 -0.77
CA ARG B 143 -9.92 9.61 0.19
C ARG B 143 -8.61 10.10 0.82
N ASN B 144 -7.67 9.18 1.00
CA ASN B 144 -6.41 9.53 1.61
C ASN B 144 -5.55 10.46 0.76
N TYR B 145 -5.85 10.53 -0.53
CA TYR B 145 -5.07 11.38 -1.42
C TYR B 145 -5.71 12.75 -1.59
N LEU B 146 -6.86 12.94 -0.96
CA LEU B 146 -7.58 14.22 -1.04
C LEU B 146 -7.35 15.17 0.15
N LYS B 147 -7.06 16.44 -0.15
CA LYS B 147 -6.86 17.46 0.89
C LYS B 147 -8.21 17.62 1.57
N PRO B 148 -8.23 17.79 2.90
CA PRO B 148 -9.55 17.95 3.53
C PRO B 148 -10.34 19.04 2.80
N GLY B 149 -11.61 18.75 2.51
CA GLY B 149 -12.42 19.72 1.80
C GLY B 149 -12.27 19.52 0.31
N GLY B 150 -11.52 18.48 -0.05
CA GLY B 150 -11.31 18.16 -1.46
C GLY B 150 -12.49 17.43 -2.05
N TYR B 151 -12.57 17.44 -3.38
CA TYR B 151 -13.67 16.82 -4.09
C TYR B 151 -13.34 15.52 -4.81
N LEU B 152 -14.32 14.61 -4.81
CA LEU B 152 -14.20 13.34 -5.49
C LEU B 152 -15.37 13.30 -6.47
N ALA B 153 -15.07 13.31 -7.77
CA ALA B 153 -16.13 13.29 -8.76
C ALA B 153 -16.03 12.05 -9.62
N VAL B 154 -17.00 11.16 -9.46
CA VAL B 154 -17.02 9.92 -10.21
C VAL B 154 -18.38 9.61 -10.83
N SER B 155 -18.37 8.95 -11.98
CA SER B 155 -19.62 8.54 -12.62
C SER B 155 -19.57 7.02 -12.52
N GLU B 156 -20.63 6.45 -11.96
CA GLU B 156 -20.75 5.02 -11.72
C GLU B 156 -22.06 4.42 -12.25
N SER B 157 -22.08 3.11 -12.49
CA SER B 157 -23.29 2.45 -12.97
C SER B 157 -24.31 2.28 -11.84
N VAL B 158 -25.56 2.66 -12.10
CA VAL B 158 -26.62 2.54 -11.09
C VAL B 158 -27.94 1.96 -11.59
N TRP B 159 -28.70 1.41 -10.65
CA TRP B 159 -30.02 0.87 -10.94
C TRP B 159 -31.00 2.03 -10.72
N PHE B 160 -31.94 2.21 -11.62
CA PHE B 160 -32.87 3.30 -11.44
C PHE B 160 -34.03 2.93 -10.54
N THR B 161 -34.30 1.62 -10.42
CA THR B 161 -35.39 1.15 -9.58
C THR B 161 -35.00 -0.06 -8.76
N ASP B 162 -35.91 -0.51 -7.90
CA ASP B 162 -35.65 -1.66 -7.04
C ASP B 162 -35.92 -3.01 -7.72
N GLN B 163 -36.64 -2.99 -8.82
CA GLN B 163 -36.97 -4.22 -9.54
C GLN B 163 -36.58 -4.03 -11.01
N ARG B 164 -35.98 -5.05 -11.60
CA ARG B 164 -35.60 -4.99 -13.01
C ARG B 164 -35.78 -6.38 -13.62
N PRO B 165 -35.80 -6.46 -14.97
CA PRO B 165 -35.96 -7.76 -15.61
C PRO B 165 -34.74 -8.65 -15.33
N ALA B 166 -34.92 -9.96 -15.43
CA ALA B 166 -33.83 -10.88 -15.16
C ALA B 166 -32.74 -10.65 -16.19
N GLU B 167 -33.14 -10.52 -17.46
CA GLU B 167 -32.19 -10.30 -18.55
C GLU B 167 -31.17 -9.21 -18.24
N ILE B 168 -31.63 -8.00 -17.94
CA ILE B 168 -30.69 -6.93 -17.65
C ILE B 168 -29.95 -7.15 -16.34
N HIS B 169 -30.65 -7.67 -15.33
CA HIS B 169 -30.04 -7.91 -14.03
C HIS B 169 -28.86 -8.85 -14.10
N ASP B 170 -29.10 -10.07 -14.61
CA ASP B 170 -28.04 -11.07 -14.74
C ASP B 170 -26.89 -10.59 -15.59
N PHE B 171 -27.20 -9.80 -16.61
CA PHE B 171 -26.17 -9.26 -17.48
C PHE B 171 -25.14 -8.57 -16.60
N TRP B 172 -25.60 -7.56 -15.86
CA TRP B 172 -24.74 -6.81 -14.96
C TRP B 172 -24.06 -7.65 -13.90
N MET B 173 -24.74 -8.66 -13.36
CA MET B 173 -24.14 -9.51 -12.35
C MET B 173 -22.89 -10.22 -12.86
N SER B 174 -22.88 -10.53 -14.16
CA SER B 174 -21.71 -11.19 -14.73
C SER B 174 -20.68 -10.13 -15.06
N ALA B 175 -21.14 -8.91 -15.30
CA ALA B 175 -20.26 -7.80 -15.66
C ALA B 175 -19.59 -7.07 -14.49
N TYR B 176 -20.39 -6.48 -13.61
CA TYR B 176 -19.90 -5.72 -12.47
C TYR B 176 -20.90 -5.93 -11.35
N THR B 177 -20.55 -6.76 -10.37
CA THR B 177 -21.46 -7.05 -9.28
C THR B 177 -21.77 -5.90 -8.31
N GLU B 178 -21.11 -4.76 -8.46
CA GLU B 178 -21.36 -3.65 -7.56
C GLU B 178 -22.36 -2.57 -8.03
N ILE B 179 -23.00 -2.78 -9.17
CA ILE B 179 -23.97 -1.80 -9.61
C ILE B 179 -25.02 -1.85 -8.50
N ASP B 180 -25.50 -0.69 -8.07
CA ASP B 180 -26.48 -0.63 -6.99
C ASP B 180 -27.34 0.62 -7.18
N THR B 181 -28.35 0.78 -6.33
CA THR B 181 -29.26 1.91 -6.41
C THR B 181 -28.58 3.21 -6.02
N VAL B 182 -29.11 4.34 -6.50
CA VAL B 182 -28.55 5.62 -6.15
C VAL B 182 -28.63 5.81 -4.63
N PRO B 183 -29.73 5.37 -3.99
CA PRO B 183 -29.82 5.54 -2.54
C PRO B 183 -28.66 4.86 -1.81
N ASN B 184 -28.26 3.68 -2.28
CA ASN B 184 -27.16 2.97 -1.63
C ASN B 184 -25.82 3.63 -1.90
N LYS B 185 -25.59 4.04 -3.15
CA LYS B 185 -24.34 4.72 -3.48
C LYS B 185 -24.19 5.92 -2.55
N VAL B 186 -25.24 6.74 -2.47
CA VAL B 186 -25.21 7.94 -1.63
C VAL B 186 -24.91 7.57 -0.19
N ALA B 187 -25.55 6.50 0.28
CA ALA B 187 -25.36 6.02 1.65
C ALA B 187 -23.91 5.67 1.86
N GLN B 188 -23.34 5.03 0.84
CA GLN B 188 -21.92 4.60 0.86
C GLN B 188 -20.95 5.78 0.83
N ILE B 189 -21.36 6.87 0.19
CA ILE B 189 -20.51 8.05 0.10
C ILE B 189 -20.43 8.72 1.48
N GLN B 190 -21.59 8.87 2.12
CA GLN B 190 -21.67 9.47 3.45
C GLN B 190 -20.87 8.64 4.46
N LYS B 191 -21.13 7.33 4.47
CA LYS B 191 -20.43 6.45 5.39
C LYS B 191 -18.91 6.53 5.25
N ALA B 192 -18.42 6.52 4.01
CA ALA B 192 -16.98 6.56 3.74
C ALA B 192 -16.33 7.87 4.18
N GLY B 193 -17.13 8.77 4.75
CA GLY B 193 -16.58 10.03 5.21
C GLY B 193 -16.64 11.19 4.24
N TYR B 194 -17.68 11.25 3.42
CA TYR B 194 -17.83 12.37 2.48
C TYR B 194 -19.20 13.01 2.70
N ILE B 195 -19.38 14.18 2.08
CA ILE B 195 -20.66 14.87 2.13
C ILE B 195 -21.16 14.76 0.70
N PRO B 196 -22.30 14.09 0.51
CA PRO B 196 -22.87 13.90 -0.83
C PRO B 196 -23.33 15.24 -1.38
N VAL B 197 -22.36 16.02 -1.85
CA VAL B 197 -22.61 17.36 -2.38
C VAL B 197 -23.51 17.47 -3.60
N ALA B 198 -23.41 16.51 -4.51
CA ALA B 198 -24.24 16.55 -5.71
C ALA B 198 -24.29 15.18 -6.38
N THR B 199 -25.48 14.81 -6.83
CA THR B 199 -25.69 13.52 -7.48
C THR B 199 -26.72 13.63 -8.59
N PHE B 200 -26.31 13.35 -9.82
CA PHE B 200 -27.25 13.36 -10.93
C PHE B 200 -27.06 12.20 -11.92
N ILE B 201 -28.19 11.72 -12.43
CA ILE B 201 -28.18 10.63 -13.39
C ILE B 201 -27.85 11.19 -14.78
N LEU B 202 -26.94 10.54 -15.49
CA LEU B 202 -26.55 11.01 -16.81
C LEU B 202 -27.69 10.85 -17.80
N PRO B 203 -27.83 11.80 -18.72
CA PRO B 203 -28.89 11.74 -19.74
C PRO B 203 -28.68 10.51 -20.63
N GLU B 204 -29.73 10.10 -21.35
CA GLU B 204 -29.62 8.95 -22.24
C GLU B 204 -28.70 9.17 -23.41
N ASN B 205 -28.61 10.40 -23.92
CA ASN B 205 -27.73 10.65 -25.06
C ASN B 205 -26.27 10.38 -24.68
N CYS B 206 -26.00 10.27 -23.38
CA CYS B 206 -24.64 10.00 -22.90
C CYS B 206 -24.25 8.61 -23.35
N TRP B 207 -25.24 7.73 -23.46
CA TRP B 207 -25.02 6.35 -23.88
C TRP B 207 -25.15 6.21 -25.39
N ILE B 208 -26.26 6.69 -25.94
CA ILE B 208 -26.51 6.59 -27.37
C ILE B 208 -25.68 7.53 -28.25
N GLU B 209 -25.85 8.83 -28.08
CA GLU B 209 -25.10 9.79 -28.89
C GLU B 209 -23.59 9.71 -28.74
N HIS B 210 -23.13 9.87 -27.50
CA HIS B 210 -21.70 9.91 -27.20
C HIS B 210 -20.95 8.60 -26.99
N TYR B 211 -21.65 7.51 -26.72
CA TYR B 211 -20.94 6.26 -26.48
C TYR B 211 -21.11 5.18 -27.55
N PHE B 212 -22.33 4.69 -27.73
CA PHE B 212 -22.61 3.64 -28.72
C PHE B 212 -22.49 4.11 -30.18
N ALA B 213 -23.11 5.24 -30.51
CA ALA B 213 -23.10 5.77 -31.87
C ALA B 213 -21.74 5.91 -32.57
N PRO B 214 -20.76 6.54 -31.89
CA PRO B 214 -19.45 6.69 -32.52
C PRO B 214 -18.75 5.37 -32.72
N GLN B 215 -19.20 4.36 -31.98
CA GLN B 215 -18.60 3.04 -32.07
C GLN B 215 -18.74 2.49 -33.47
N ALA B 216 -19.80 2.91 -34.14
CA ALA B 216 -20.09 2.46 -35.50
C ALA B 216 -18.93 2.73 -36.44
N LYS B 217 -18.57 4.01 -36.63
CA LYS B 217 -17.47 4.36 -37.53
C LYS B 217 -16.19 3.67 -37.14
N ALA B 218 -15.96 3.58 -35.85
CA ALA B 218 -14.78 2.93 -35.33
C ALA B 218 -14.71 1.47 -35.75
N GLU B 219 -15.86 0.80 -35.79
CA GLU B 219 -15.90 -0.62 -36.16
C GLU B 219 -15.51 -0.90 -37.60
N GLU B 220 -16.24 -0.30 -38.54
CA GLU B 220 -15.99 -0.49 -39.96
C GLU B 220 -14.51 -0.37 -40.29
N ILE B 221 -13.82 0.53 -39.59
CA ILE B 221 -12.39 0.74 -39.81
C ILE B 221 -11.55 -0.32 -39.11
N PHE B 222 -11.66 -0.36 -37.79
CA PHE B 222 -10.97 -1.33 -36.96
C PHE B 222 -11.21 -2.70 -37.54
N ARG B 223 -12.32 -2.83 -38.25
CA ARG B 223 -12.73 -4.07 -38.86
C ARG B 223 -11.81 -4.46 -40.01
N ARG B 224 -11.99 -3.80 -41.16
CA ARG B 224 -11.19 -4.10 -42.35
C ARG B 224 -9.70 -4.11 -42.04
N LYS B 225 -9.28 -3.22 -41.13
CA LYS B 225 -7.89 -3.13 -40.70
C LYS B 225 -7.31 -4.42 -40.08
N HIS B 226 -8.19 -5.23 -39.50
CA HIS B 226 -7.80 -6.49 -38.90
C HIS B 226 -8.10 -7.67 -39.81
N ALA B 227 -9.06 -7.48 -40.72
CA ALA B 227 -9.47 -8.50 -41.70
C ALA B 227 -9.40 -9.86 -41.03
N GLY B 228 -9.72 -9.91 -39.74
CA GLY B 228 -9.65 -11.16 -39.02
C GLY B 228 -10.96 -11.39 -38.31
N SER B 229 -11.91 -12.02 -39.00
CA SER B 229 -13.23 -12.31 -38.45
C SER B 229 -13.03 -13.21 -37.23
N ARG B 230 -14.12 -13.82 -36.76
CA ARG B 230 -14.06 -14.70 -35.60
C ARG B 230 -13.70 -13.92 -34.31
N ILE B 231 -12.61 -13.15 -34.37
CA ILE B 231 -12.18 -12.36 -33.22
C ILE B 231 -12.64 -10.91 -33.42
N VAL B 232 -12.18 -10.28 -34.49
CA VAL B 232 -12.55 -8.91 -34.76
C VAL B 232 -14.07 -8.78 -34.72
N GLU B 233 -14.75 -9.83 -35.16
CA GLU B 233 -16.22 -9.85 -35.17
C GLU B 233 -16.84 -10.18 -33.83
N GLU B 234 -16.12 -10.95 -33.02
CA GLU B 234 -16.61 -11.32 -31.69
C GLU B 234 -16.79 -10.06 -30.83
N LEU B 235 -15.80 -9.15 -30.86
CA LEU B 235 -15.86 -7.91 -30.08
C LEU B 235 -17.01 -7.03 -30.55
N ILE B 236 -17.27 -7.06 -31.86
CA ILE B 236 -18.35 -6.25 -32.42
C ILE B 236 -19.71 -6.70 -31.88
N THR B 237 -19.93 -8.00 -31.88
CA THR B 237 -21.18 -8.57 -31.36
C THR B 237 -21.37 -8.19 -29.89
N SER B 238 -20.31 -8.22 -29.11
CA SER B 238 -20.43 -7.84 -27.71
C SER B 238 -20.87 -6.39 -27.63
N ASN B 239 -20.19 -5.53 -28.38
CA ASN B 239 -20.51 -4.11 -28.39
C ASN B 239 -21.98 -3.95 -28.71
N HIS B 240 -22.43 -4.60 -29.78
CA HIS B 240 -23.82 -4.50 -30.18
C HIS B 240 -24.83 -5.11 -29.24
N HIS B 241 -24.45 -6.18 -28.57
CA HIS B 241 -25.36 -6.82 -27.61
C HIS B 241 -25.65 -5.82 -26.49
N GLU B 242 -24.59 -5.21 -25.97
CA GLU B 242 -24.68 -4.21 -24.90
C GLU B 242 -25.55 -3.02 -25.32
N ALA B 243 -25.34 -2.55 -26.55
CA ALA B 243 -26.12 -1.44 -27.09
C ALA B 243 -27.59 -1.86 -27.23
N GLU B 244 -27.84 -3.14 -27.46
CA GLU B 244 -29.21 -3.63 -27.58
C GLU B 244 -29.88 -3.69 -26.21
N LEU B 245 -29.14 -4.12 -25.20
CA LEU B 245 -29.64 -4.23 -23.83
C LEU B 245 -30.10 -2.87 -23.33
N TYR B 246 -29.28 -1.86 -23.58
CA TYR B 246 -29.58 -0.51 -23.15
C TYR B 246 -30.80 0.04 -23.86
N SER B 247 -30.91 -0.20 -25.16
CA SER B 247 -32.05 0.31 -25.88
C SER B 247 -33.32 -0.30 -25.29
N LYS B 248 -33.17 -1.50 -24.72
CA LYS B 248 -34.30 -2.20 -24.13
C LYS B 248 -34.52 -1.96 -22.64
N TYR B 249 -33.43 -1.84 -21.86
CA TYR B 249 -33.58 -1.65 -20.42
C TYR B 249 -33.09 -0.33 -19.82
N LYS B 250 -32.86 0.68 -20.66
CA LYS B 250 -32.38 1.99 -20.21
C LYS B 250 -33.22 2.59 -19.08
N ALA B 251 -34.45 2.10 -18.91
CA ALA B 251 -35.34 2.62 -17.87
C ALA B 251 -34.98 2.11 -16.49
N TYR B 252 -34.27 0.99 -16.44
CA TYR B 252 -33.89 0.39 -15.17
C TYR B 252 -32.46 0.66 -14.70
N TYR B 253 -31.62 1.19 -15.58
CA TYR B 253 -30.25 1.45 -15.20
C TYR B 253 -29.61 2.52 -16.05
N GLY B 254 -28.40 2.92 -15.66
CA GLY B 254 -27.67 3.94 -16.39
C GLY B 254 -26.46 4.35 -15.57
N TYR B 255 -25.97 5.56 -15.81
CA TYR B 255 -24.83 6.08 -15.06
C TYR B 255 -25.24 7.26 -14.21
N ALA B 256 -24.54 7.43 -13.10
CA ALA B 256 -24.82 8.53 -12.20
C ALA B 256 -23.51 9.21 -11.83
N PHE B 257 -23.53 10.53 -11.72
CA PHE B 257 -22.32 11.26 -11.35
C PHE B 257 -22.50 11.57 -9.88
N PHE B 258 -21.43 11.43 -9.11
CA PHE B 258 -21.45 11.70 -7.68
C PHE B 258 -20.33 12.69 -7.36
N ILE B 259 -20.66 13.79 -6.70
CA ILE B 259 -19.66 14.78 -6.31
C ILE B 259 -19.58 14.75 -4.77
N CYS B 260 -18.49 14.16 -4.30
CA CYS B 260 -18.23 13.95 -2.88
C CYS B 260 -17.15 14.81 -2.30
N LYS B 261 -17.51 15.61 -1.29
CA LYS B 261 -16.58 16.50 -0.61
C LYS B 261 -15.98 15.79 0.62
N LYS B 262 -14.66 15.56 0.63
CA LYS B 262 -14.03 14.88 1.77
C LYS B 262 -14.32 15.61 3.07
N GLY B 263 -14.87 14.88 4.03
CA GLY B 263 -15.24 15.46 5.31
C GLY B 263 -14.14 15.64 6.34
N PHE B 264 -14.56 15.95 7.58
CA PHE B 264 -13.66 16.17 8.72
C PHE B 264 -13.35 17.66 8.89
N ASN C 20 -9.71 -18.88 0.43
CA ASN C 20 -8.44 -18.68 1.20
C ASN C 20 -8.25 -19.57 2.44
N LEU C 21 -8.35 -20.88 2.24
CA LEU C 21 -8.18 -21.80 3.36
C LEU C 21 -6.68 -22.04 3.57
N ILE C 22 -5.87 -21.33 2.79
CA ILE C 22 -4.41 -21.47 2.87
C ILE C 22 -3.93 -21.14 4.28
N CYS C 23 -4.55 -20.14 4.91
CA CYS C 23 -4.22 -19.77 6.28
C CYS C 23 -4.60 -20.97 7.14
N ASP C 24 -5.82 -21.45 6.95
CA ASP C 24 -6.36 -22.59 7.69
C ASP C 24 -5.40 -23.76 7.63
N PHE C 25 -4.95 -24.10 6.42
CA PHE C 25 -4.04 -25.21 6.27
C PHE C 25 -2.86 -25.11 7.21
N PHE C 26 -2.15 -23.98 7.15
CA PHE C 26 -0.97 -23.82 7.98
C PHE C 26 -1.23 -23.48 9.44
N LEU C 27 -2.49 -23.38 9.82
CA LEU C 27 -2.78 -23.11 11.22
C LEU C 27 -2.48 -24.33 12.05
N ASN C 28 -2.34 -25.49 11.40
CA ASN C 28 -2.05 -26.75 12.09
C ASN C 28 -0.60 -27.13 11.80
N THR C 29 0.29 -26.16 11.90
CA THR C 29 1.68 -26.46 11.61
C THR C 29 2.63 -25.66 12.52
N GLU C 30 3.77 -26.27 12.83
CA GLU C 30 4.78 -25.61 13.66
C GLU C 30 5.25 -24.33 12.97
N ARG C 31 5.44 -24.40 11.66
CA ARG C 31 5.92 -23.25 10.88
C ARG C 31 5.38 -23.21 9.47
N GLN C 32 5.23 -22.02 8.89
CA GLN C 32 4.75 -21.93 7.51
C GLN C 32 5.96 -21.72 6.61
N GLY C 33 7.14 -22.05 7.09
CA GLY C 33 8.34 -21.88 6.27
C GLY C 33 9.56 -22.64 6.78
N PRO C 34 10.57 -22.85 5.93
CA PRO C 34 11.78 -23.57 6.34
C PRO C 34 12.49 -22.98 7.56
N GLY C 35 13.10 -23.84 8.35
CA GLY C 35 13.81 -23.37 9.52
C GLY C 35 13.84 -24.41 10.61
N SER C 36 14.46 -24.06 11.73
CA SER C 36 14.53 -24.98 12.85
C SER C 36 15.02 -24.20 14.02
N PRO C 37 14.83 -24.73 15.23
CA PRO C 37 15.28 -24.06 16.45
C PRO C 37 16.79 -23.75 16.36
N GLU C 38 17.54 -24.71 15.84
CA GLU C 38 18.98 -24.57 15.70
C GLU C 38 19.33 -23.42 14.76
N VAL C 39 18.66 -23.34 13.62
CA VAL C 39 18.93 -22.28 12.66
C VAL C 39 18.57 -20.91 13.22
N THR C 40 17.42 -20.82 13.86
CA THR C 40 17.01 -19.56 14.45
C THR C 40 18.06 -19.12 15.47
N LEU C 41 18.54 -20.06 16.28
CA LEU C 41 19.55 -19.69 17.28
C LEU C 41 20.90 -19.37 16.66
N LYS C 42 21.30 -20.07 15.60
CA LYS C 42 22.59 -19.82 14.97
C LYS C 42 22.60 -18.40 14.40
N ALA C 43 21.46 -17.95 13.92
CA ALA C 43 21.37 -16.60 13.36
C ALA C 43 21.53 -15.60 14.50
N LEU C 44 20.90 -15.96 15.61
CA LEU C 44 20.91 -15.14 16.80
C LEU C 44 22.34 -14.94 17.32
N SER C 45 23.13 -16.01 17.34
CA SER C 45 24.50 -15.92 17.84
C SER C 45 25.35 -14.82 17.17
N PHE C 46 24.85 -14.22 16.09
CA PHE C 46 25.60 -13.15 15.39
C PHE C 46 25.12 -11.75 15.78
N ILE C 47 24.07 -11.68 16.59
CA ILE C 47 23.57 -10.39 17.07
C ILE C 47 24.26 -10.21 18.43
N ASP C 48 25.00 -9.11 18.57
CA ASP C 48 25.74 -8.84 19.80
C ASP C 48 25.39 -7.56 20.52
N ASN C 49 24.23 -6.97 20.22
CA ASN C 49 23.85 -5.70 20.84
C ASN C 49 22.63 -5.77 21.77
N LEU C 50 21.95 -6.91 21.80
CA LEU C 50 20.74 -7.07 22.61
C LEU C 50 20.88 -6.84 24.12
N THR C 51 19.83 -6.27 24.71
CA THR C 51 19.77 -5.99 26.15
C THR C 51 18.29 -6.07 26.54
N ASN C 52 18.01 -6.06 27.84
CA ASN C 52 16.64 -6.13 28.32
C ASN C 52 15.77 -4.97 27.81
N LYS C 53 16.44 -3.90 27.35
CA LYS C 53 15.76 -2.71 26.82
C LYS C 53 15.55 -2.72 25.32
N SER C 54 16.16 -3.70 24.63
CA SER C 54 16.03 -3.81 23.18
C SER C 54 14.58 -3.93 22.70
N LEU C 55 14.35 -3.38 21.51
CA LEU C 55 13.06 -3.44 20.87
C LEU C 55 13.26 -4.30 19.63
N ILE C 56 12.63 -5.48 19.64
CA ILE C 56 12.73 -6.43 18.54
C ILE C 56 11.39 -6.60 17.83
N ALA C 57 11.44 -6.89 16.53
CA ALA C 57 10.26 -7.08 15.71
C ALA C 57 10.44 -8.28 14.80
N ASP C 58 9.43 -9.13 14.74
CA ASP C 58 9.48 -10.29 13.87
C ASP C 58 8.44 -10.06 12.77
N LEU C 59 8.89 -9.77 11.56
CA LEU C 59 7.96 -9.50 10.46
C LEU C 59 7.56 -10.80 9.76
N GLY C 60 6.26 -10.96 9.51
CA GLY C 60 5.74 -12.17 8.89
C GLY C 60 5.92 -13.40 9.78
N CYS C 61 5.77 -13.19 11.08
CA CYS C 61 5.97 -14.23 12.10
C CYS C 61 5.12 -15.49 12.02
N GLY C 62 4.15 -15.56 11.11
CA GLY C 62 3.31 -16.74 11.03
C GLY C 62 2.76 -16.99 12.42
N THR C 63 2.67 -18.26 12.81
CA THR C 63 2.16 -18.60 14.14
C THR C 63 3.19 -18.32 15.22
N GLY C 64 4.37 -17.87 14.81
CA GLY C 64 5.45 -17.54 15.74
C GLY C 64 6.30 -18.64 16.33
N GLY C 65 6.52 -19.72 15.59
CA GLY C 65 7.32 -20.81 16.11
C GLY C 65 8.76 -20.38 16.32
N GLN C 66 9.23 -19.45 15.49
CA GLN C 66 10.59 -18.98 15.61
C GLN C 66 10.69 -17.80 16.56
N THR C 67 9.58 -17.09 16.73
CA THR C 67 9.52 -15.95 17.63
C THR C 67 9.64 -16.44 19.09
N MET C 68 8.93 -17.52 19.40
CA MET C 68 8.98 -18.09 20.74
C MET C 68 10.38 -18.55 21.10
N ILE C 69 11.05 -19.24 20.18
CA ILE C 69 12.42 -19.75 20.35
C ILE C 69 13.39 -18.56 20.50
N LEU C 70 13.18 -17.54 19.66
CA LEU C 70 13.99 -16.34 19.70
C LEU C 70 13.81 -15.66 21.05
N ALA C 71 12.55 -15.56 21.47
CA ALA C 71 12.20 -14.91 22.74
C ALA C 71 12.78 -15.65 23.94
N GLN C 72 12.85 -16.98 23.84
CA GLN C 72 13.39 -17.81 24.91
C GLN C 72 14.91 -17.79 24.99
N HIS C 73 15.54 -16.87 24.26
CA HIS C 73 17.00 -16.78 24.27
C HIS C 73 17.54 -15.35 24.16
N VAL C 74 16.65 -14.38 24.19
CA VAL C 74 17.08 -12.99 24.11
C VAL C 74 16.27 -12.21 25.12
N PRO C 75 16.83 -11.12 25.64
CA PRO C 75 16.10 -10.31 26.62
C PRO C 75 15.43 -9.16 25.86
N GLY C 76 14.40 -8.56 26.45
CA GLY C 76 13.72 -7.47 25.79
C GLY C 76 12.32 -7.79 25.29
N LYS C 77 11.77 -6.89 24.48
CA LYS C 77 10.43 -7.06 23.95
C LYS C 77 10.42 -7.42 22.46
N ILE C 78 9.62 -8.43 22.12
CA ILE C 78 9.50 -8.87 20.74
C ILE C 78 8.08 -8.64 20.21
N THR C 79 7.96 -7.94 19.08
CA THR C 79 6.64 -7.72 18.51
C THR C 79 6.51 -8.49 17.22
N GLY C 80 5.50 -9.35 17.13
CA GLY C 80 5.27 -10.09 15.91
C GLY C 80 4.19 -9.44 15.07
N ILE C 81 4.40 -9.40 13.77
CA ILE C 81 3.42 -8.83 12.86
C ILE C 81 3.18 -9.78 11.69
N ASP C 82 1.91 -10.05 11.41
CA ASP C 82 1.56 -10.94 10.31
C ASP C 82 0.24 -10.48 9.73
N PHE C 83 0.03 -10.78 8.44
CA PHE C 83 -1.17 -10.39 7.73
C PHE C 83 -2.43 -11.17 8.13
N PHE C 84 -2.31 -12.49 8.30
CA PHE C 84 -3.44 -13.35 8.66
C PHE C 84 -3.73 -13.26 10.15
N PRO C 85 -4.95 -12.85 10.52
CA PRO C 85 -5.27 -12.77 11.94
C PRO C 85 -5.19 -14.14 12.62
N GLY C 86 -5.68 -15.17 11.94
CA GLY C 86 -5.63 -16.51 12.51
C GLY C 86 -4.24 -16.89 12.99
N PHE C 87 -3.22 -16.36 12.32
CA PHE C 87 -1.85 -16.65 12.72
C PHE C 87 -1.51 -15.89 14.00
N ILE C 88 -1.92 -14.62 14.07
CA ILE C 88 -1.66 -13.82 15.25
C ILE C 88 -2.43 -14.37 16.46
N GLU C 89 -3.66 -14.82 16.23
CA GLU C 89 -4.44 -15.39 17.32
C GLU C 89 -3.68 -16.57 17.91
N ARG C 90 -3.20 -17.45 17.03
CA ARG C 90 -2.45 -18.63 17.45
C ARG C 90 -1.12 -18.22 18.09
N PHE C 91 -0.54 -17.15 17.56
CA PHE C 91 0.73 -16.62 18.07
C PHE C 91 0.55 -16.12 19.50
N ASN C 92 -0.46 -15.28 19.73
CA ASN C 92 -0.69 -14.77 21.07
C ASN C 92 -1.13 -15.89 22.00
N LYS C 93 -1.86 -16.87 21.46
CA LYS C 93 -2.31 -17.99 22.29
C LYS C 93 -1.13 -18.87 22.68
N ASN C 94 -0.13 -18.93 21.82
CA ASN C 94 1.06 -19.72 22.14
C ASN C 94 1.98 -19.04 23.15
N ALA C 95 2.17 -17.74 23.00
CA ALA C 95 3.03 -16.97 23.92
C ALA C 95 2.41 -17.01 25.33
N GLU C 96 1.09 -17.16 25.39
CA GLU C 96 0.37 -17.22 26.66
C GLU C 96 0.69 -18.51 27.42
N LYS C 97 0.72 -19.63 26.69
CA LYS C 97 1.02 -20.92 27.27
C LYS C 97 2.47 -21.04 27.70
N LEU C 98 3.30 -20.09 27.28
CA LEU C 98 4.73 -20.11 27.63
C LEU C 98 5.09 -18.99 28.60
N ASN C 99 4.10 -18.22 29.01
CA ASN C 99 4.33 -17.11 29.92
C ASN C 99 5.12 -15.97 29.29
N LEU C 100 5.11 -15.90 27.97
CA LEU C 100 5.87 -14.85 27.27
C LEU C 100 5.04 -13.63 26.91
N GLN C 101 3.71 -13.76 26.99
CA GLN C 101 2.81 -12.67 26.59
C GLN C 101 3.11 -11.28 27.13
N ASN C 102 3.97 -11.15 28.13
CA ASN C 102 4.25 -9.81 28.63
C ASN C 102 5.41 -9.20 27.86
N ARG C 103 6.23 -10.04 27.23
CA ARG C 103 7.35 -9.52 26.46
C ARG C 103 7.25 -9.93 24.98
N VAL C 104 6.19 -10.65 24.63
CA VAL C 104 6.01 -11.07 23.24
C VAL C 104 4.55 -10.89 22.87
N LYS C 105 4.28 -9.95 21.96
CA LYS C 105 2.92 -9.68 21.54
C LYS C 105 2.71 -9.74 20.03
N GLY C 106 1.58 -10.33 19.63
CA GLY C 106 1.26 -10.46 18.22
C GLY C 106 0.29 -9.41 17.76
N ILE C 107 0.54 -8.88 16.56
CA ILE C 107 -0.27 -7.83 15.96
C ILE C 107 -0.54 -8.16 14.51
N VAL C 108 -1.69 -7.74 14.01
CA VAL C 108 -2.04 -7.97 12.63
C VAL C 108 -1.65 -6.70 11.89
N GLY C 109 -0.82 -6.84 10.88
CA GLY C 109 -0.37 -5.69 10.12
C GLY C 109 0.33 -6.10 8.84
N SER C 110 0.96 -5.16 8.15
CA SER C 110 1.66 -5.48 6.91
C SER C 110 3.09 -4.98 6.93
N MET C 111 3.99 -5.76 6.32
CA MET C 111 5.41 -5.42 6.25
C MET C 111 5.64 -4.12 5.52
N ASP C 112 4.76 -3.83 4.57
CA ASP C 112 4.87 -2.64 3.75
C ASP C 112 4.23 -1.43 4.37
N ASP C 113 3.53 -1.63 5.48
CA ASP C 113 2.87 -0.52 6.13
C ASP C 113 3.05 -0.52 7.65
N LEU C 114 4.29 -0.35 8.07
CA LEU C 114 4.62 -0.33 9.49
C LEU C 114 4.58 1.10 10.03
N SER C 115 4.35 1.23 11.33
CA SER C 115 4.28 2.55 11.91
C SER C 115 5.33 2.69 13.03
N PHE C 116 6.36 1.87 12.96
CA PHE C 116 7.44 1.94 13.95
C PHE C 116 8.08 3.31 13.87
N GLU C 117 8.47 3.84 15.03
CA GLU C 117 9.12 5.13 15.08
C GLU C 117 10.48 5.05 14.40
N LYS C 118 10.85 6.10 13.67
CA LYS C 118 12.13 6.15 12.96
C LYS C 118 13.28 5.76 13.88
N ASP C 119 14.19 4.94 13.37
CA ASP C 119 15.38 4.47 14.09
C ASP C 119 15.13 4.08 15.58
N SER C 120 14.12 3.26 15.84
CA SER C 120 13.82 2.87 17.20
C SER C 120 14.03 1.39 17.48
N LEU C 121 14.19 0.60 16.41
CA LEU C 121 14.37 -0.85 16.56
C LEU C 121 15.81 -1.37 16.59
N ASP C 122 16.06 -2.32 17.48
CA ASP C 122 17.38 -2.95 17.66
C ASP C 122 17.56 -4.21 16.80
N LEU C 123 16.47 -4.94 16.59
CA LEU C 123 16.51 -6.17 15.82
C LEU C 123 15.21 -6.42 15.05
N ILE C 124 15.35 -6.55 13.74
CA ILE C 124 14.20 -6.86 12.89
C ILE C 124 14.48 -8.27 12.39
N TRP C 125 13.55 -9.17 12.72
CA TRP C 125 13.63 -10.58 12.35
C TRP C 125 12.59 -10.86 11.28
N SER C 126 12.89 -11.81 10.40
CA SER C 126 11.97 -12.18 9.31
C SER C 126 12.43 -13.49 8.66
N GLU C 127 11.68 -14.56 8.93
CA GLU C 127 12.03 -15.84 8.37
C GLU C 127 11.04 -16.24 7.29
N GLY C 128 11.58 -16.47 6.09
CA GLY C 128 10.78 -16.86 4.94
C GLY C 128 9.57 -15.97 4.71
N ALA C 129 9.75 -14.65 4.80
CA ALA C 129 8.63 -13.76 4.60
C ALA C 129 8.96 -12.40 3.97
N ILE C 130 10.24 -12.13 3.69
CA ILE C 130 10.57 -10.84 3.08
C ILE C 130 10.18 -10.86 1.59
N TYR C 131 10.00 -12.04 1.03
CA TYR C 131 9.64 -12.14 -0.38
C TYR C 131 8.34 -11.41 -0.67
N ASN C 132 7.43 -11.39 0.31
CA ASN C 132 6.15 -10.72 0.12
C ASN C 132 6.31 -9.25 -0.26
N ILE C 133 7.37 -8.61 0.22
CA ILE C 133 7.61 -7.21 -0.11
C ILE C 133 8.72 -7.03 -1.15
N GLY C 134 9.65 -7.98 -1.21
CA GLY C 134 10.76 -7.91 -2.14
C GLY C 134 12.05 -7.69 -1.37
N PHE C 135 13.06 -8.52 -1.62
CA PHE C 135 14.33 -8.43 -0.90
C PHE C 135 14.96 -7.02 -0.78
N GLU C 136 15.34 -6.42 -1.91
CA GLU C 136 15.95 -5.09 -1.88
C GLU C 136 15.03 -4.03 -1.32
N ARG C 137 13.74 -4.16 -1.63
CA ARG C 137 12.74 -3.22 -1.15
C ARG C 137 12.66 -3.31 0.37
N GLY C 138 12.76 -4.55 0.88
CA GLY C 138 12.74 -4.81 2.30
C GLY C 138 13.94 -4.19 2.98
N LEU C 139 15.12 -4.36 2.39
CA LEU C 139 16.33 -3.78 2.96
C LEU C 139 16.19 -2.26 3.04
N LYS C 140 15.73 -1.67 1.93
CA LYS C 140 15.56 -0.23 1.84
C LYS C 140 14.59 0.38 2.86
N GLU C 141 13.37 -0.13 2.93
CA GLU C 141 12.36 0.42 3.84
C GLU C 141 12.51 0.07 5.32
N TRP C 142 12.91 -1.16 5.63
CA TRP C 142 13.03 -1.55 7.02
C TRP C 142 14.24 -0.90 7.68
N ARG C 143 15.15 -0.40 6.85
CA ARG C 143 16.36 0.26 7.32
C ARG C 143 16.06 1.52 8.12
N ASN C 144 14.95 2.17 7.77
CA ASN C 144 14.56 3.40 8.42
C ASN C 144 13.92 3.17 9.79
N TYR C 145 13.72 1.91 10.17
CA TYR C 145 13.12 1.61 11.46
C TYR C 145 14.17 1.15 12.46
N LEU C 146 15.38 0.91 11.96
CA LEU C 146 16.50 0.44 12.77
C LEU C 146 17.42 1.54 13.31
N LYS C 147 17.81 1.38 14.58
CA LYS C 147 18.73 2.31 15.19
C LYS C 147 20.05 2.07 14.46
N PRO C 148 20.91 3.09 14.35
CA PRO C 148 22.15 2.78 13.65
C PRO C 148 22.86 1.62 14.37
N GLY C 149 23.37 0.66 13.61
CA GLY C 149 24.05 -0.46 14.23
C GLY C 149 23.09 -1.57 14.58
N GLY C 150 21.81 -1.32 14.37
CA GLY C 150 20.81 -2.33 14.65
C GLY C 150 20.94 -3.45 13.65
N TYR C 151 20.25 -4.57 13.89
CA TYR C 151 20.34 -5.71 12.99
C TYR C 151 19.06 -6.15 12.31
N LEU C 152 19.23 -6.64 11.09
CA LEU C 152 18.14 -7.12 10.27
C LEU C 152 18.53 -8.55 9.95
N ALA C 153 17.81 -9.52 10.51
CA ALA C 153 18.13 -10.92 10.28
C ALA C 153 17.00 -11.53 9.45
N VAL C 154 17.29 -11.92 8.21
CA VAL C 154 16.25 -12.48 7.34
C VAL C 154 16.65 -13.70 6.54
N SER C 155 15.73 -14.66 6.44
CA SER C 155 15.98 -15.86 5.65
C SER C 155 15.23 -15.63 4.34
N GLU C 156 15.82 -16.07 3.23
CA GLU C 156 15.26 -15.86 1.90
C GLU C 156 15.70 -16.97 0.96
N SER C 157 14.87 -17.24 -0.06
CA SER C 157 15.19 -18.27 -1.04
C SER C 157 16.38 -17.84 -1.88
N VAL C 158 17.29 -18.78 -2.13
CA VAL C 158 18.47 -18.48 -2.91
C VAL C 158 18.85 -19.63 -3.84
N TRP C 159 19.70 -19.30 -4.82
CA TRP C 159 20.22 -20.28 -5.77
C TRP C 159 21.59 -20.69 -5.20
N PHE C 160 21.98 -21.94 -5.38
CA PHE C 160 23.27 -22.39 -4.86
C PHE C 160 24.37 -22.45 -5.93
N THR C 161 23.98 -22.28 -7.19
CA THR C 161 24.91 -22.30 -8.30
C THR C 161 24.46 -21.26 -9.32
N ASP C 162 25.30 -21.01 -10.31
CA ASP C 162 24.95 -20.03 -11.34
C ASP C 162 24.08 -20.73 -12.39
N GLN C 163 24.17 -22.06 -12.43
CA GLN C 163 23.40 -22.84 -13.38
C GLN C 163 22.19 -23.51 -12.73
N THR C 177 9.98 -14.85 -7.26
CA THR C 177 10.58 -14.28 -8.47
C THR C 177 11.97 -13.69 -8.23
N GLU C 178 12.14 -13.02 -7.08
CA GLU C 178 13.41 -12.40 -6.71
C GLU C 178 14.45 -13.37 -6.15
N ILE C 179 14.27 -14.67 -6.39
CA ILE C 179 15.25 -15.63 -5.92
C ILE C 179 16.54 -15.36 -6.72
N ASP C 180 17.62 -15.08 -6.01
CA ASP C 180 18.89 -14.77 -6.66
C ASP C 180 20.00 -15.60 -6.03
N THR C 181 21.25 -15.30 -6.39
CA THR C 181 22.40 -16.02 -5.84
C THR C 181 22.82 -15.38 -4.51
N VAL C 182 23.58 -16.10 -3.70
CA VAL C 182 24.02 -15.53 -2.43
C VAL C 182 24.90 -14.31 -2.67
N PRO C 183 25.88 -14.41 -3.61
CA PRO C 183 26.75 -13.27 -3.92
C PRO C 183 25.95 -12.00 -4.20
N ASN C 184 24.92 -12.14 -5.04
CA ASN C 184 24.08 -11.00 -5.36
C ASN C 184 23.33 -10.45 -4.15
N LYS C 185 22.70 -11.33 -3.36
CA LYS C 185 21.99 -10.88 -2.18
C LYS C 185 22.99 -10.15 -1.29
N VAL C 186 24.17 -10.75 -1.11
CA VAL C 186 25.20 -10.14 -0.27
C VAL C 186 25.51 -8.74 -0.74
N ALA C 187 25.58 -8.59 -2.05
CA ALA C 187 25.88 -7.30 -2.69
C ALA C 187 24.74 -6.29 -2.54
N GLN C 188 23.51 -6.78 -2.59
CA GLN C 188 22.36 -5.88 -2.44
C GLN C 188 22.30 -5.38 -1.00
N ILE C 189 22.88 -6.16 -0.09
CA ILE C 189 22.90 -5.78 1.32
C ILE C 189 23.93 -4.67 1.46
N GLN C 190 25.09 -4.88 0.87
CA GLN C 190 26.17 -3.89 0.91
C GLN C 190 25.63 -2.57 0.37
N LYS C 191 25.07 -2.65 -0.84
CA LYS C 191 24.54 -1.48 -1.53
C LYS C 191 23.36 -0.85 -0.80
N ALA C 192 22.62 -1.64 -0.03
CA ALA C 192 21.47 -1.13 0.72
C ALA C 192 21.89 -0.29 1.93
N GLY C 193 23.19 -0.35 2.27
CA GLY C 193 23.67 0.42 3.41
C GLY C 193 23.80 -0.36 4.69
N TYR C 194 24.09 -1.65 4.56
CA TYR C 194 24.27 -2.50 5.72
C TYR C 194 25.61 -3.20 5.56
N ILE C 195 26.01 -3.92 6.60
CA ILE C 195 27.25 -4.68 6.59
C ILE C 195 26.89 -6.16 6.70
N PRO C 196 27.13 -6.91 5.63
CA PRO C 196 26.80 -8.35 5.66
C PRO C 196 27.65 -9.09 6.69
N VAL C 197 27.26 -8.99 7.96
CA VAL C 197 27.99 -9.63 9.06
C VAL C 197 28.05 -11.17 8.92
N ALA C 198 26.88 -11.81 8.91
CA ALA C 198 26.83 -13.25 8.78
C ALA C 198 25.81 -13.64 7.72
N THR C 199 26.16 -14.67 6.97
CA THR C 199 25.31 -15.19 5.91
C THR C 199 25.52 -16.68 5.90
N PHE C 200 24.46 -17.45 6.10
CA PHE C 200 24.58 -18.91 6.07
C PHE C 200 23.34 -19.58 5.48
N ILE C 201 23.59 -20.63 4.69
CA ILE C 201 22.54 -21.40 4.03
C ILE C 201 21.93 -22.40 5.03
N LEU C 202 20.60 -22.50 5.02
CA LEU C 202 19.91 -23.42 5.93
C LEU C 202 20.12 -24.88 5.59
N PRO C 203 20.26 -25.73 6.61
CA PRO C 203 20.45 -27.16 6.35
C PRO C 203 19.18 -27.76 5.76
N GLU C 204 19.31 -28.87 5.04
CA GLU C 204 18.17 -29.52 4.41
C GLU C 204 17.09 -30.00 5.39
N ASN C 205 17.48 -30.37 6.62
CA ASN C 205 16.50 -30.83 7.60
C ASN C 205 15.50 -29.72 7.91
N CYS C 206 15.88 -28.47 7.67
CA CYS C 206 14.99 -27.33 7.89
C CYS C 206 13.76 -27.44 6.97
N TRP C 207 13.98 -27.99 5.78
CA TRP C 207 12.91 -28.15 4.81
C TRP C 207 12.15 -29.45 5.04
N ILE C 208 12.86 -30.56 4.93
CA ILE C 208 12.31 -31.90 5.09
C ILE C 208 11.67 -32.14 6.46
N GLU C 209 12.50 -32.15 7.50
CA GLU C 209 12.09 -32.40 8.89
C GLU C 209 11.13 -31.45 9.59
N HIS C 210 11.35 -30.14 9.42
CA HIS C 210 10.54 -29.12 10.10
C HIS C 210 9.48 -28.42 9.25
N TYR C 211 9.62 -28.44 7.94
CA TYR C 211 8.64 -27.77 7.10
C TYR C 211 7.72 -28.72 6.34
N PHE C 212 8.29 -29.72 5.66
CA PHE C 212 7.47 -30.65 4.88
C PHE C 212 6.79 -31.78 5.65
N ALA C 213 7.57 -32.49 6.47
CA ALA C 213 7.02 -33.60 7.27
C ALA C 213 5.81 -33.21 8.12
N PRO C 214 5.92 -32.13 8.91
CA PRO C 214 4.75 -31.75 9.72
C PRO C 214 3.49 -31.42 8.91
N GLN C 215 3.67 -31.14 7.61
CA GLN C 215 2.54 -30.84 6.74
C GLN C 215 1.66 -32.08 6.59
N ALA C 216 2.28 -33.26 6.57
CA ALA C 216 1.56 -34.53 6.43
C ALA C 216 0.34 -34.63 7.33
N LYS C 217 0.60 -34.82 8.63
CA LYS C 217 -0.46 -34.92 9.62
C LYS C 217 -1.45 -33.76 9.55
N ALA C 218 -1.03 -32.62 9.01
CA ALA C 218 -1.92 -31.48 8.90
C ALA C 218 -2.74 -31.54 7.63
N GLU C 219 -2.29 -32.31 6.65
CA GLU C 219 -3.02 -32.41 5.39
C GLU C 219 -4.37 -33.11 5.62
N GLU C 220 -4.37 -34.17 6.42
CA GLU C 220 -5.63 -34.85 6.69
C GLU C 220 -6.49 -33.95 7.58
N ILE C 221 -5.89 -33.44 8.66
CA ILE C 221 -6.60 -32.56 9.58
C ILE C 221 -7.25 -31.40 8.82
N PHE C 222 -6.90 -31.27 7.56
CA PHE C 222 -7.42 -30.21 6.71
C PHE C 222 -8.44 -30.75 5.72
N ARG C 223 -8.29 -32.02 5.35
CA ARG C 223 -9.21 -32.66 4.41
C ARG C 223 -10.54 -32.99 5.09
N ARG C 224 -10.48 -33.47 6.34
CA ARG C 224 -11.68 -33.83 7.09
C ARG C 224 -12.48 -32.57 7.29
N LYS C 225 -11.83 -31.55 7.83
CA LYS C 225 -12.50 -30.30 8.10
C LYS C 225 -12.96 -29.54 6.87
N HIS C 226 -12.76 -30.10 5.70
CA HIS C 226 -13.20 -29.42 4.48
C HIS C 226 -13.78 -30.41 3.47
N ALA C 227 -14.22 -31.57 3.99
CA ALA C 227 -14.80 -32.65 3.19
C ALA C 227 -15.78 -32.13 2.17
N GLY C 228 -15.57 -32.44 0.90
CA GLY C 228 -16.49 -31.99 -0.13
C GLY C 228 -16.10 -30.77 -0.96
N SER C 229 -15.47 -29.77 -0.36
CA SER C 229 -15.06 -28.58 -1.12
C SER C 229 -14.00 -29.04 -2.12
N ARG C 230 -14.08 -28.56 -3.35
CA ARG C 230 -13.13 -28.93 -4.38
C ARG C 230 -11.75 -28.26 -4.27
N ILE C 231 -11.75 -26.96 -4.02
CA ILE C 231 -10.51 -26.19 -3.89
C ILE C 231 -9.51 -26.77 -2.88
N VAL C 232 -9.93 -27.72 -2.08
CA VAL C 232 -9.05 -28.33 -1.09
C VAL C 232 -8.07 -29.27 -1.74
N GLU C 233 -8.56 -30.03 -2.73
CA GLU C 233 -7.72 -31.00 -3.43
C GLU C 233 -6.57 -30.27 -4.11
N GLU C 234 -6.80 -29.00 -4.44
CA GLU C 234 -5.77 -28.19 -5.10
C GLU C 234 -4.61 -27.94 -4.15
N LEU C 235 -4.86 -27.13 -3.10
CA LEU C 235 -3.85 -26.79 -2.11
C LEU C 235 -2.97 -28.01 -1.81
N ILE C 236 -3.58 -29.13 -1.44
CA ILE C 236 -2.84 -30.34 -1.11
C ILE C 236 -1.76 -30.67 -2.18
N THR C 237 -2.17 -30.61 -3.45
CA THR C 237 -1.29 -30.88 -4.58
C THR C 237 -0.15 -29.87 -4.66
N SER C 238 -0.47 -28.61 -4.38
CA SER C 238 0.52 -27.54 -4.41
C SER C 238 1.65 -27.83 -3.44
N ASN C 239 1.31 -28.24 -2.22
CA ASN C 239 2.31 -28.56 -1.23
C ASN C 239 3.16 -29.76 -1.69
N HIS C 240 2.47 -30.78 -2.22
CA HIS C 240 3.15 -31.99 -2.67
C HIS C 240 4.07 -31.74 -3.86
N HIS C 241 3.69 -30.83 -4.76
CA HIS C 241 4.54 -30.56 -5.91
C HIS C 241 5.81 -29.90 -5.37
N GLU C 242 5.64 -28.94 -4.47
CA GLU C 242 6.77 -28.22 -3.89
C GLU C 242 7.68 -29.19 -3.14
N ALA C 243 7.08 -30.12 -2.40
CA ALA C 243 7.87 -31.09 -1.68
C ALA C 243 8.64 -31.92 -2.70
N GLU C 244 8.07 -32.05 -3.90
CA GLU C 244 8.69 -32.82 -4.97
C GLU C 244 9.88 -32.05 -5.56
N LEU C 245 9.63 -30.82 -6.01
CA LEU C 245 10.68 -30.00 -6.59
C LEU C 245 11.93 -29.96 -5.71
N TYR C 246 11.73 -29.87 -4.40
CA TYR C 246 12.87 -29.83 -3.49
C TYR C 246 13.60 -31.16 -3.48
N SER C 247 12.88 -32.23 -3.22
CA SER C 247 13.50 -33.56 -3.18
C SER C 247 14.29 -33.85 -4.46
N LYS C 248 13.98 -33.12 -5.54
CA LYS C 248 14.68 -33.32 -6.80
C LYS C 248 15.72 -32.26 -7.12
N TYR C 249 15.57 -31.05 -6.59
CA TYR C 249 16.53 -29.98 -6.89
C TYR C 249 17.09 -29.29 -5.65
N LYS C 250 17.06 -29.99 -4.52
CA LYS C 250 17.54 -29.46 -3.25
C LYS C 250 19.00 -29.03 -3.38
N ALA C 251 19.69 -29.55 -4.39
CA ALA C 251 21.09 -29.23 -4.62
C ALA C 251 21.33 -27.87 -5.29
N TYR C 252 20.30 -27.35 -5.95
CA TYR C 252 20.46 -26.09 -6.66
C TYR C 252 19.86 -24.87 -5.99
N TYR C 253 19.07 -25.07 -4.95
CA TYR C 253 18.45 -23.95 -4.27
C TYR C 253 18.08 -24.29 -2.82
N GLY C 254 17.61 -23.28 -2.08
CA GLY C 254 17.22 -23.46 -0.70
C GLY C 254 17.08 -22.11 -0.03
N TYR C 255 17.38 -22.06 1.27
CA TYR C 255 17.28 -20.81 2.00
C TYR C 255 18.61 -20.45 2.60
N ALA C 256 18.81 -19.15 2.79
CA ALA C 256 20.03 -18.60 3.39
C ALA C 256 19.58 -17.54 4.39
N PHE C 257 20.28 -17.47 5.51
CA PHE C 257 19.95 -16.49 6.53
C PHE C 257 20.91 -15.34 6.36
N PHE C 258 20.40 -14.11 6.35
CA PHE C 258 21.25 -12.94 6.17
C PHE C 258 21.23 -11.98 7.34
N ILE C 259 22.29 -11.96 8.13
CA ILE C 259 22.37 -11.06 9.28
C ILE C 259 23.08 -9.81 8.83
N CYS C 260 22.32 -8.71 8.74
CA CYS C 260 22.83 -7.43 8.28
C CYS C 260 22.82 -6.36 9.38
N LYS C 261 23.90 -5.58 9.47
CA LYS C 261 24.02 -4.50 10.46
C LYS C 261 23.91 -3.13 9.76
N LYS C 262 22.93 -2.32 10.17
CA LYS C 262 22.72 -1.01 9.55
C LYS C 262 23.91 -0.08 9.79
N GLY C 263 24.52 0.38 8.70
CA GLY C 263 25.66 1.28 8.87
C GLY C 263 26.56 1.39 7.61
N PHE C 264 27.44 2.37 7.54
CA PHE C 264 28.28 2.64 6.40
C PHE C 264 29.72 2.40 6.86
N ASN D 20 66.52 -13.89 9.80
CA ASN D 20 65.05 -14.08 10.05
C ASN D 20 64.69 -14.61 11.46
N LEU D 21 64.29 -13.69 12.35
CA LEU D 21 63.89 -14.03 13.72
C LEU D 21 62.39 -13.81 13.88
N ILE D 22 61.71 -13.55 12.77
CA ILE D 22 60.27 -13.34 12.79
C ILE D 22 59.64 -14.58 13.42
N CYS D 23 60.21 -15.74 13.12
CA CYS D 23 59.69 -16.98 13.65
C CYS D 23 59.85 -17.00 15.16
N ASP D 24 61.08 -16.73 15.62
CA ASP D 24 61.40 -16.70 17.03
C ASP D 24 60.41 -15.84 17.83
N PHE D 25 60.09 -14.68 17.31
CA PHE D 25 59.16 -13.80 18.00
C PHE D 25 57.83 -14.52 18.19
N PHE D 26 57.23 -14.90 17.06
CA PHE D 26 55.95 -15.57 17.09
C PHE D 26 55.89 -16.93 17.80
N LEU D 27 57.03 -17.56 18.07
CA LEU D 27 56.99 -18.86 18.75
C LEU D 27 56.58 -18.69 20.22
N ASN D 28 56.45 -17.44 20.64
CA ASN D 28 56.04 -17.11 22.01
C ASN D 28 54.62 -16.53 22.03
N THR D 29 53.80 -16.96 21.09
CA THR D 29 52.44 -16.48 21.01
C THR D 29 51.45 -17.59 20.68
N GLU D 30 50.28 -17.53 21.31
CA GLU D 30 49.23 -18.52 21.09
C GLU D 30 48.96 -18.73 19.58
N ARG D 31 48.95 -17.64 18.81
CA ARG D 31 48.69 -17.69 17.37
C ARG D 31 49.33 -16.54 16.58
N GLN D 32 49.71 -16.80 15.32
CA GLN D 32 50.32 -15.75 14.52
C GLN D 32 49.31 -14.98 13.68
N GLY D 33 48.02 -15.20 13.92
CA GLY D 33 47.02 -14.48 13.15
C GLY D 33 45.74 -14.20 13.91
N PRO D 34 44.93 -13.22 13.46
CA PRO D 34 43.67 -12.90 14.14
C PRO D 34 42.77 -14.12 14.30
N GLY D 35 42.16 -14.26 15.47
CA GLY D 35 41.28 -15.40 15.68
C GLY D 35 41.01 -15.72 17.13
N SER D 36 40.11 -16.66 17.37
CA SER D 36 39.77 -17.04 18.72
C SER D 36 39.16 -18.42 18.68
N PRO D 37 39.25 -19.18 19.79
CA PRO D 37 38.67 -20.52 19.80
C PRO D 37 37.18 -20.50 19.44
N GLU D 38 36.46 -19.47 19.89
CA GLU D 38 35.04 -19.37 19.58
C GLU D 38 34.83 -19.33 18.08
N VAL D 39 35.66 -18.53 17.39
CA VAL D 39 35.54 -18.39 15.94
C VAL D 39 35.83 -19.71 15.21
N THR D 40 36.94 -20.36 15.55
CA THR D 40 37.27 -21.63 14.92
C THR D 40 36.06 -22.56 15.03
N LEU D 41 35.49 -22.68 16.23
CA LEU D 41 34.35 -23.54 16.43
C LEU D 41 33.09 -23.09 15.73
N LYS D 42 32.96 -21.78 15.52
CA LYS D 42 31.77 -21.24 14.85
C LYS D 42 31.80 -21.67 13.40
N ALA D 43 32.96 -21.54 12.79
CA ALA D 43 33.14 -21.92 11.40
C ALA D 43 32.91 -23.42 11.31
N LEU D 44 33.35 -24.12 12.35
CA LEU D 44 33.22 -25.57 12.45
C LEU D 44 31.75 -26.01 12.52
N SER D 45 30.89 -25.20 13.12
CA SER D 45 29.47 -25.55 13.25
C SER D 45 28.75 -25.60 11.90
N PHE D 46 29.48 -25.31 10.82
CA PHE D 46 28.90 -25.33 9.49
C PHE D 46 29.36 -26.52 8.66
N ILE D 47 30.31 -27.29 9.18
CA ILE D 47 30.78 -28.48 8.47
C ILE D 47 29.98 -29.65 9.04
N ASP D 48 29.29 -30.39 8.18
CA ASP D 48 28.45 -31.50 8.63
C ASP D 48 28.77 -32.84 7.98
N ASN D 49 29.98 -33.03 7.48
CA ASN D 49 30.32 -34.27 6.80
C ASN D 49 31.48 -35.04 7.41
N LEU D 50 31.95 -34.60 8.56
CA LEU D 50 33.10 -35.26 9.17
C LEU D 50 32.77 -36.52 9.98
N THR D 51 33.64 -37.51 9.85
CA THR D 51 33.52 -38.78 10.54
C THR D 51 34.94 -39.17 10.99
N ASN D 52 35.10 -40.35 11.58
CA ASN D 52 36.45 -40.76 12.02
C ASN D 52 37.32 -41.18 10.84
N LYS D 53 36.73 -41.21 9.65
CA LYS D 53 37.47 -41.57 8.44
C LYS D 53 37.86 -40.33 7.64
N SER D 54 37.34 -39.18 8.05
CA SER D 54 37.62 -37.93 7.37
C SER D 54 39.11 -37.56 7.35
N LEU D 55 39.53 -36.93 6.26
CA LEU D 55 40.91 -36.47 6.10
C LEU D 55 40.88 -34.94 6.04
N ILE D 56 41.55 -34.32 7.00
CA ILE D 56 41.55 -32.87 7.12
C ILE D 56 42.96 -32.28 6.93
N ALA D 57 43.01 -31.05 6.40
CA ALA D 57 44.27 -30.35 6.16
C ALA D 57 44.20 -28.88 6.56
N ASP D 58 45.04 -28.46 7.50
CA ASP D 58 45.08 -27.07 7.96
C ASP D 58 46.27 -26.41 7.27
N LEU D 59 46.02 -25.61 6.24
CA LEU D 59 47.10 -24.95 5.50
C LEU D 59 47.58 -23.65 6.15
N GLY D 60 48.88 -23.58 6.43
CA GLY D 60 49.46 -22.40 7.07
C GLY D 60 49.15 -22.41 8.56
N CYS D 61 49.10 -23.61 9.12
CA CYS D 61 48.77 -23.84 10.52
C CYS D 61 49.59 -23.10 11.59
N GLY D 62 50.79 -22.65 11.25
CA GLY D 62 51.60 -21.97 12.26
C GLY D 62 51.84 -22.89 13.43
N THR D 63 51.75 -22.37 14.66
CA THR D 63 51.96 -23.23 15.81
C THR D 63 50.69 -24.07 16.03
N GLY D 64 49.73 -23.91 15.12
CA GLY D 64 48.50 -24.68 15.18
C GLY D 64 47.54 -24.38 16.32
N GLY D 65 47.44 -23.11 16.70
CA GLY D 65 46.54 -22.75 17.78
C GLY D 65 45.16 -23.26 17.47
N GLN D 66 44.64 -22.87 16.31
CA GLN D 66 43.30 -23.28 15.87
C GLN D 66 43.18 -24.77 15.49
N THR D 67 44.29 -25.39 15.11
CA THR D 67 44.28 -26.80 14.71
C THR D 67 43.91 -27.69 15.89
N MET D 68 44.56 -27.48 17.04
CA MET D 68 44.28 -28.29 18.22
C MET D 68 42.84 -28.07 18.63
N ILE D 69 42.43 -26.80 18.70
CA ILE D 69 41.05 -26.45 19.06
C ILE D 69 40.16 -27.29 18.16
N LEU D 70 40.41 -27.18 16.85
CA LEU D 70 39.66 -27.91 15.84
C LEU D 70 39.67 -29.43 16.10
N ALA D 71 40.85 -29.96 16.38
CA ALA D 71 41.04 -31.40 16.62
C ALA D 71 40.25 -31.93 17.80
N GLN D 72 40.17 -31.13 18.85
CA GLN D 72 39.46 -31.53 20.04
C GLN D 72 37.95 -31.46 19.88
N HIS D 73 37.47 -31.13 18.68
CA HIS D 73 36.04 -31.02 18.43
C HIS D 73 35.62 -31.66 17.12
N VAL D 74 36.54 -32.34 16.46
CA VAL D 74 36.22 -32.99 15.20
C VAL D 74 36.91 -34.33 15.03
N PRO D 75 36.18 -35.35 14.61
CA PRO D 75 36.82 -36.66 14.42
C PRO D 75 37.61 -36.61 13.11
N GLY D 76 38.48 -37.59 12.89
CA GLY D 76 39.25 -37.61 11.66
C GLY D 76 40.69 -37.21 11.90
N LYS D 77 41.53 -37.42 10.89
CA LYS D 77 42.97 -37.10 10.99
C LYS D 77 43.25 -35.69 10.45
N ILE D 78 44.14 -34.96 11.12
CA ILE D 78 44.47 -33.60 10.71
C ILE D 78 45.93 -33.35 10.36
N THR D 79 46.21 -33.03 9.11
CA THR D 79 47.58 -32.74 8.69
C THR D 79 47.80 -31.22 8.59
N GLY D 80 48.77 -30.72 9.36
CA GLY D 80 49.06 -29.30 9.33
C GLY D 80 50.25 -29.04 8.42
N ILE D 81 50.20 -27.97 7.64
CA ILE D 81 51.30 -27.66 6.73
C ILE D 81 51.72 -26.20 6.82
N ASP D 82 53.00 -25.99 7.14
CA ASP D 82 53.53 -24.63 7.27
C ASP D 82 54.91 -24.50 6.65
N PHE D 83 55.28 -23.26 6.30
CA PHE D 83 56.59 -23.01 5.68
C PHE D 83 57.73 -22.97 6.71
N PHE D 84 57.48 -22.39 7.88
CA PHE D 84 58.49 -22.30 8.94
C PHE D 84 58.59 -23.61 9.71
N PRO D 85 59.73 -24.34 9.55
CA PRO D 85 59.91 -25.62 10.26
C PRO D 85 59.81 -25.42 11.77
N GLY D 86 60.15 -24.22 12.24
CA GLY D 86 60.10 -23.94 13.65
C GLY D 86 58.68 -24.04 14.18
N PHE D 87 57.72 -23.65 13.36
CA PHE D 87 56.32 -23.71 13.77
C PHE D 87 55.84 -25.14 13.84
N ILE D 88 56.23 -25.94 12.85
CA ILE D 88 55.84 -27.34 12.86
C ILE D 88 56.46 -28.09 14.05
N GLU D 89 57.64 -27.65 14.52
CA GLU D 89 58.22 -28.35 15.65
C GLU D 89 57.36 -28.09 16.88
N ARG D 90 56.93 -26.84 17.03
CA ARG D 90 56.09 -26.48 18.16
C ARG D 90 54.72 -27.07 18.00
N PHE D 91 54.32 -27.26 16.75
CA PHE D 91 53.02 -27.81 16.45
C PHE D 91 52.93 -29.24 16.92
N ASN D 92 53.83 -30.07 16.42
CA ASN D 92 53.83 -31.46 16.80
C ASN D 92 54.10 -31.60 18.28
N LYS D 93 54.96 -30.73 18.81
CA LYS D 93 55.26 -30.77 20.24
C LYS D 93 53.98 -30.54 21.05
N ASN D 94 53.18 -29.55 20.65
CA ASN D 94 51.94 -29.25 21.36
C ASN D 94 50.89 -30.30 21.10
N ALA D 95 51.01 -30.99 19.96
CA ALA D 95 50.06 -32.03 19.63
C ALA D 95 50.36 -33.26 20.49
N GLU D 96 51.57 -33.30 21.04
CA GLU D 96 51.99 -34.39 21.91
C GLU D 96 51.42 -34.21 23.32
N LYS D 97 51.65 -33.03 23.89
CA LYS D 97 51.13 -32.70 25.23
C LYS D 97 49.61 -32.89 25.29
N LEU D 98 48.98 -32.97 24.13
CA LEU D 98 47.52 -33.13 24.03
C LEU D 98 47.08 -34.52 23.58
N ASN D 99 48.01 -35.48 23.57
CA ASN D 99 47.70 -36.84 23.14
C ASN D 99 46.93 -36.86 21.81
N LEU D 100 47.26 -35.90 20.94
CA LEU D 100 46.63 -35.80 19.64
C LEU D 100 47.59 -36.20 18.53
N GLN D 101 48.86 -36.40 18.89
CA GLN D 101 49.90 -36.76 17.92
C GLN D 101 49.56 -37.99 17.09
N ASN D 102 48.55 -38.73 17.51
CA ASN D 102 48.15 -39.92 16.79
C ASN D 102 47.24 -39.59 15.61
N ARG D 103 46.48 -38.50 15.73
CA ARG D 103 45.56 -38.07 14.68
C ARG D 103 45.83 -36.67 14.12
N VAL D 104 46.75 -35.94 14.74
CA VAL D 104 47.12 -34.60 14.31
C VAL D 104 48.63 -34.51 14.14
N LYS D 105 49.10 -34.31 12.91
CA LYS D 105 50.54 -34.24 12.66
C LYS D 105 50.91 -33.05 11.76
N GLY D 106 52.04 -32.42 12.08
CA GLY D 106 52.51 -31.27 11.31
C GLY D 106 53.54 -31.64 10.26
N ILE D 107 53.52 -30.93 9.14
CA ILE D 107 54.45 -31.17 8.05
C ILE D 107 54.91 -29.85 7.44
N VAL D 108 56.23 -29.69 7.25
CA VAL D 108 56.73 -28.46 6.67
C VAL D 108 56.49 -28.47 5.16
N GLY D 109 55.79 -27.45 4.66
CA GLY D 109 55.50 -27.40 3.23
C GLY D 109 54.96 -26.07 2.73
N SER D 110 54.44 -26.06 1.50
CA SER D 110 53.89 -24.84 0.92
C SER D 110 52.49 -25.04 0.36
N MET D 111 51.63 -24.03 0.52
CA MET D 111 50.23 -24.11 0.04
C MET D 111 50.10 -24.15 -1.48
N ASP D 112 51.18 -23.80 -2.17
CA ASP D 112 51.17 -23.79 -3.63
C ASP D 112 51.83 -25.02 -4.20
N ASP D 113 52.33 -25.88 -3.32
CA ASP D 113 53.04 -27.10 -3.70
C ASP D 113 52.65 -28.27 -2.78
N LEU D 114 51.40 -28.71 -2.87
CA LEU D 114 50.90 -29.80 -2.02
C LEU D 114 51.02 -31.20 -2.62
N SER D 115 51.09 -32.20 -1.73
CA SER D 115 51.22 -33.59 -2.15
C SER D 115 50.02 -34.47 -1.82
N PHE D 116 48.88 -33.86 -1.50
CA PHE D 116 47.68 -34.60 -1.18
C PHE D 116 47.09 -35.23 -2.45
N GLU D 117 46.56 -36.44 -2.32
CA GLU D 117 45.97 -37.14 -3.44
C GLU D 117 44.76 -36.36 -3.95
N LYS D 118 44.57 -36.37 -5.26
CA LYS D 118 43.45 -35.65 -5.88
C LYS D 118 42.15 -36.10 -5.22
N ASP D 119 41.29 -35.12 -4.93
CA ASP D 119 39.99 -35.33 -4.30
C ASP D 119 40.03 -36.28 -3.10
N SER D 120 41.03 -36.15 -2.23
CA SER D 120 41.09 -37.06 -1.09
C SER D 120 40.72 -36.41 0.23
N LEU D 121 40.56 -35.09 0.24
CA LEU D 121 40.22 -34.40 1.47
C LEU D 121 38.75 -34.05 1.65
N ASP D 122 38.32 -34.08 2.90
CA ASP D 122 36.95 -33.75 3.25
C ASP D 122 36.87 -32.33 3.70
N LEU D 123 37.93 -31.88 4.37
CA LEU D 123 38.00 -30.52 4.91
C LEU D 123 39.40 -29.88 4.73
N ILE D 124 39.41 -28.60 4.41
CA ILE D 124 40.66 -27.85 4.27
C ILE D 124 40.49 -26.60 5.11
N TRP D 125 41.36 -26.47 6.10
CA TRP D 125 41.28 -25.33 6.99
C TRP D 125 42.42 -24.39 6.71
N SER D 126 42.16 -23.10 6.86
CA SER D 126 43.20 -22.12 6.65
C SER D 126 42.78 -20.81 7.27
N GLU D 127 43.38 -20.48 8.40
CA GLU D 127 43.03 -19.23 9.08
C GLU D 127 44.12 -18.20 8.88
N GLY D 128 43.74 -17.08 8.26
CA GLY D 128 44.65 -15.98 7.98
C GLY D 128 45.96 -16.40 7.35
N ALA D 129 45.92 -17.25 6.34
CA ALA D 129 47.14 -17.70 5.69
C ALA D 129 47.03 -17.85 4.19
N ILE D 130 45.81 -17.89 3.66
CA ILE D 130 45.61 -18.01 2.23
C ILE D 130 46.09 -16.78 1.46
N TYR D 131 46.38 -15.68 2.16
CA TYR D 131 46.86 -14.47 1.48
C TYR D 131 48.24 -14.77 0.88
N ASN D 132 48.94 -15.74 1.47
CA ASN D 132 50.24 -16.17 0.99
C ASN D 132 50.21 -16.74 -0.44
N ILE D 133 49.06 -17.29 -0.85
CA ILE D 133 48.94 -17.85 -2.20
C ILE D 133 48.00 -16.99 -3.05
N GLY D 134 47.06 -16.32 -2.38
CA GLY D 134 46.10 -15.48 -3.06
C GLY D 134 44.70 -16.08 -2.94
N PHE D 135 43.71 -15.26 -2.63
CA PHE D 135 42.36 -15.78 -2.46
C PHE D 135 41.85 -16.64 -3.63
N GLU D 136 41.71 -16.02 -4.79
CA GLU D 136 41.22 -16.74 -5.96
C GLU D 136 42.10 -17.90 -6.35
N ARG D 137 43.40 -17.73 -6.24
CA ARG D 137 44.33 -18.79 -6.58
C ARG D 137 44.16 -19.95 -5.60
N GLY D 138 43.85 -19.61 -4.35
CA GLY D 138 43.66 -20.63 -3.33
C GLY D 138 42.41 -21.41 -3.62
N LEU D 139 41.36 -20.72 -4.04
CA LEU D 139 40.11 -21.38 -4.35
C LEU D 139 40.34 -22.37 -5.49
N LYS D 140 40.97 -21.93 -6.56
CA LYS D 140 41.22 -22.79 -7.70
C LYS D 140 42.04 -24.04 -7.39
N GLU D 141 43.28 -23.84 -6.97
CA GLU D 141 44.16 -24.95 -6.69
C GLU D 141 43.72 -25.88 -5.58
N TRP D 142 43.33 -25.33 -4.43
CA TRP D 142 42.91 -26.16 -3.32
C TRP D 142 41.68 -27.02 -3.63
N ARG D 143 40.91 -26.63 -4.64
CA ARG D 143 39.69 -27.34 -5.02
C ARG D 143 39.91 -28.77 -5.51
N ASN D 144 41.07 -29.01 -6.13
CA ASN D 144 41.40 -30.32 -6.67
C ASN D 144 41.78 -31.37 -5.64
N TYR D 145 41.89 -30.98 -4.37
CA TYR D 145 42.27 -31.91 -3.31
C TYR D 145 41.04 -32.20 -2.47
N LEU D 146 39.95 -31.54 -2.81
CA LEU D 146 38.73 -31.72 -2.06
C LEU D 146 37.73 -32.67 -2.73
N LYS D 147 37.23 -33.61 -1.96
CA LYS D 147 36.23 -34.55 -2.47
C LYS D 147 34.99 -33.72 -2.81
N PRO D 148 34.16 -34.22 -3.73
CA PRO D 148 32.95 -33.47 -4.07
C PRO D 148 32.08 -33.23 -2.81
N GLY D 149 31.59 -32.01 -2.65
CA GLY D 149 30.78 -31.71 -1.48
C GLY D 149 31.66 -31.61 -0.25
N GLY D 150 32.95 -31.38 -0.47
CA GLY D 150 33.90 -31.23 0.62
C GLY D 150 33.90 -29.77 1.03
N TYR D 151 34.58 -29.46 2.11
CA TYR D 151 34.62 -28.10 2.63
C TYR D 151 35.98 -27.44 2.74
N LEU D 152 35.98 -26.14 2.45
CA LEU D 152 37.16 -25.30 2.54
C LEU D 152 36.78 -24.17 3.49
N ALA D 153 37.32 -24.19 4.70
CA ALA D 153 37.02 -23.13 5.66
C ALA D 153 38.23 -22.20 5.78
N VAL D 154 38.10 -20.96 5.31
CA VAL D 154 39.21 -20.00 5.40
C VAL D 154 38.86 -18.63 5.95
N SER D 155 39.73 -18.09 6.77
CA SER D 155 39.51 -16.74 7.27
C SER D 155 40.41 -15.93 6.34
N GLU D 156 39.88 -14.82 5.87
CA GLU D 156 40.58 -13.98 4.91
C GLU D 156 40.46 -12.52 5.34
N SER D 157 41.37 -11.66 4.89
CA SER D 157 41.30 -10.23 5.21
C SER D 157 40.26 -9.59 4.28
N VAL D 158 39.40 -8.73 4.82
CA VAL D 158 38.36 -8.09 4.00
C VAL D 158 38.04 -6.62 4.31
N TRP D 159 37.54 -5.92 3.30
CA TRP D 159 37.13 -4.51 3.41
C TRP D 159 35.65 -4.49 3.78
N PHE D 160 35.28 -3.79 4.84
CA PHE D 160 33.86 -3.76 5.24
C PHE D 160 33.04 -2.72 4.48
N THR D 161 33.68 -1.98 3.59
CA THR D 161 32.97 -0.95 2.83
C THR D 161 33.58 -0.76 1.45
N ASP D 162 32.93 0.04 0.63
CA ASP D 162 33.46 0.27 -0.72
C ASP D 162 34.45 1.44 -0.76
N GLN D 163 34.51 2.20 0.34
CA GLN D 163 35.43 3.35 0.47
C GLN D 163 36.26 3.26 1.76
N ARG D 164 37.53 3.62 1.71
CA ARG D 164 38.37 3.58 2.90
C ARG D 164 39.31 4.77 2.89
N PRO D 165 39.79 5.20 4.06
CA PRO D 165 40.72 6.33 4.05
C PRO D 165 42.00 5.87 3.34
N ALA D 166 42.68 6.82 2.71
CA ALA D 166 43.88 6.52 1.97
C ALA D 166 44.91 5.74 2.80
N GLU D 167 45.10 6.17 4.04
CA GLU D 167 46.07 5.52 4.91
C GLU D 167 45.92 3.99 5.08
N ILE D 168 44.69 3.49 5.20
CA ILE D 168 44.53 2.06 5.39
C ILE D 168 44.57 1.29 4.08
N HIS D 169 44.05 1.91 3.03
CA HIS D 169 44.04 1.25 1.76
C HIS D 169 45.48 1.03 1.31
N ASP D 170 46.27 2.11 1.30
CA ASP D 170 47.65 2.00 0.87
C ASP D 170 48.44 1.03 1.73
N PHE D 171 48.09 0.91 3.00
CA PHE D 171 48.79 -0.02 3.88
C PHE D 171 48.62 -1.44 3.36
N TRP D 172 47.37 -1.83 3.13
CA TRP D 172 47.09 -3.17 2.63
C TRP D 172 47.67 -3.45 1.24
N MET D 173 47.83 -2.42 0.40
CA MET D 173 48.40 -2.65 -0.93
C MET D 173 49.88 -3.08 -0.87
N SER D 174 50.47 -3.03 0.32
CA SER D 174 51.87 -3.44 0.50
C SER D 174 51.99 -4.77 1.25
N ALA D 175 50.90 -5.14 1.93
CA ALA D 175 50.86 -6.36 2.72
C ALA D 175 50.13 -7.49 2.01
N TYR D 176 49.08 -7.14 1.28
CA TYR D 176 48.26 -8.13 0.57
C TYR D 176 47.38 -7.44 -0.47
N THR D 177 47.84 -7.36 -1.72
CA THR D 177 47.04 -6.69 -2.77
C THR D 177 45.64 -7.26 -2.94
N GLU D 178 45.43 -8.50 -2.52
CA GLU D 178 44.13 -9.12 -2.67
C GLU D 178 43.09 -8.93 -1.59
N ILE D 179 43.17 -7.86 -0.81
CA ILE D 179 42.13 -7.66 0.18
C ILE D 179 40.95 -7.14 -0.65
N ASP D 180 39.76 -7.66 -0.40
CA ASP D 180 38.59 -7.27 -1.18
C ASP D 180 37.36 -7.19 -0.27
N THR D 181 36.20 -6.87 -0.85
CA THR D 181 34.95 -6.77 -0.11
C THR D 181 34.30 -8.14 0.11
N VAL D 182 33.45 -8.25 1.13
CA VAL D 182 32.79 -9.52 1.43
C VAL D 182 31.93 -10.00 0.28
N PRO D 183 31.33 -9.06 -0.48
CA PRO D 183 30.50 -9.45 -1.60
C PRO D 183 31.35 -10.02 -2.74
N ASN D 184 32.50 -9.40 -3.01
CA ASN D 184 33.36 -9.90 -4.07
C ASN D 184 33.97 -11.24 -3.73
N LYS D 185 34.40 -11.42 -2.48
CA LYS D 185 34.96 -12.69 -2.06
C LYS D 185 33.94 -13.82 -2.28
N VAL D 186 32.70 -13.60 -1.85
CA VAL D 186 31.68 -14.62 -2.01
C VAL D 186 31.44 -14.91 -3.49
N ALA D 187 31.52 -13.88 -4.31
CA ALA D 187 31.31 -14.02 -5.75
C ALA D 187 32.43 -14.88 -6.36
N GLN D 188 33.66 -14.63 -5.91
CA GLN D 188 34.80 -15.39 -6.38
C GLN D 188 34.66 -16.87 -5.98
N ILE D 189 34.06 -17.12 -4.80
CA ILE D 189 33.84 -18.47 -4.29
C ILE D 189 32.89 -19.21 -5.24
N GLN D 190 31.79 -18.55 -5.57
CA GLN D 190 30.75 -19.09 -6.46
C GLN D 190 31.38 -19.38 -7.82
N LYS D 191 32.06 -18.38 -8.34
CA LYS D 191 32.73 -18.50 -9.63
C LYS D 191 33.78 -19.61 -9.66
N ALA D 192 34.41 -19.88 -8.52
CA ALA D 192 35.44 -20.92 -8.45
C ALA D 192 34.86 -22.32 -8.34
N GLY D 193 33.54 -22.42 -8.29
CA GLY D 193 32.91 -23.73 -8.22
C GLY D 193 32.53 -24.23 -6.84
N TYR D 194 32.27 -23.30 -5.92
CA TYR D 194 31.86 -23.70 -4.58
C TYR D 194 30.50 -23.09 -4.33
N ILE D 195 29.94 -23.44 -3.18
CA ILE D 195 28.66 -22.90 -2.77
C ILE D 195 29.00 -22.20 -1.46
N PRO D 196 28.84 -20.87 -1.41
CA PRO D 196 29.15 -20.12 -0.19
C PRO D 196 28.17 -20.54 0.91
N VAL D 197 28.47 -21.64 1.55
CA VAL D 197 27.64 -22.20 2.61
C VAL D 197 27.52 -21.33 3.86
N ALA D 198 28.55 -20.55 4.18
CA ALA D 198 28.52 -19.69 5.37
C ALA D 198 29.62 -18.62 5.35
N THR D 199 29.22 -17.38 5.60
CA THR D 199 30.17 -16.26 5.60
C THR D 199 29.98 -15.37 6.83
N PHE D 200 30.91 -15.35 7.77
CA PHE D 200 30.77 -14.48 8.94
C PHE D 200 32.00 -13.64 9.27
N ILE D 201 31.75 -12.38 9.64
CA ILE D 201 32.79 -11.41 9.99
C ILE D 201 33.32 -11.61 11.42
N LEU D 202 34.64 -11.63 11.60
CA LEU D 202 35.22 -11.83 12.92
C LEU D 202 35.10 -10.65 13.87
N PRO D 203 34.82 -10.94 15.16
CA PRO D 203 34.67 -9.94 16.23
C PRO D 203 36.02 -9.24 16.38
N GLU D 204 36.02 -8.04 16.95
CA GLU D 204 37.27 -7.32 17.12
C GLU D 204 38.17 -7.95 18.17
N ASN D 205 37.59 -8.74 19.08
CA ASN D 205 38.43 -9.37 20.10
C ASN D 205 39.44 -10.35 19.48
N CYS D 206 39.11 -10.90 18.31
CA CYS D 206 39.99 -11.83 17.62
C CYS D 206 41.29 -11.12 17.22
N TRP D 207 41.21 -9.80 17.07
CA TRP D 207 42.38 -8.98 16.69
C TRP D 207 43.10 -8.38 17.89
N ILE D 208 42.32 -7.77 18.80
CA ILE D 208 42.86 -7.13 19.98
C ILE D 208 43.17 -8.12 21.08
N GLU D 209 42.13 -8.66 21.69
CA GLU D 209 42.30 -9.64 22.77
C GLU D 209 43.18 -10.86 22.48
N HIS D 210 42.91 -11.53 21.35
CA HIS D 210 43.65 -12.74 20.98
C HIS D 210 44.88 -12.62 20.10
N TYR D 211 45.09 -11.47 19.47
CA TYR D 211 46.25 -11.29 18.60
C TYR D 211 47.27 -10.22 19.05
N PHE D 212 46.91 -8.94 18.98
CA PHE D 212 47.83 -7.86 19.37
C PHE D 212 48.29 -7.91 20.82
N ALA D 213 47.32 -8.09 21.72
CA ALA D 213 47.57 -8.17 23.16
C ALA D 213 48.62 -9.20 23.55
N PRO D 214 48.48 -10.44 23.07
CA PRO D 214 49.47 -11.46 23.43
C PRO D 214 50.87 -10.97 23.00
N GLN D 215 50.92 -10.24 21.90
CA GLN D 215 52.18 -9.73 21.40
C GLN D 215 52.91 -8.80 22.37
N ALA D 216 52.21 -8.29 23.37
CA ALA D 216 52.84 -7.40 24.34
C ALA D 216 53.91 -8.10 25.18
N LYS D 217 53.50 -9.08 26.00
CA LYS D 217 54.44 -9.80 26.84
C LYS D 217 55.53 -10.51 26.05
N ALA D 218 55.23 -10.87 24.81
CA ALA D 218 56.19 -11.55 23.95
C ALA D 218 57.31 -10.63 23.51
N GLU D 219 57.05 -9.33 23.47
CA GLU D 219 58.08 -8.38 23.05
C GLU D 219 59.13 -8.08 24.10
N GLU D 220 58.69 -7.86 25.33
CA GLU D 220 59.59 -7.53 26.43
C GLU D 220 60.67 -8.58 26.64
N ILE D 221 60.31 -9.85 26.53
CA ILE D 221 61.28 -10.93 26.71
C ILE D 221 62.11 -11.09 25.45
N PHE D 222 61.43 -11.14 24.30
CA PHE D 222 62.08 -11.29 23.01
C PHE D 222 63.15 -10.22 22.82
N ARG D 223 62.73 -8.97 22.89
CA ARG D 223 63.62 -7.83 22.73
C ARG D 223 64.88 -7.96 23.59
N ARG D 224 64.69 -8.33 24.86
CA ARG D 224 65.83 -8.45 25.77
C ARG D 224 66.76 -9.63 25.44
N LYS D 225 66.18 -10.76 25.05
CA LYS D 225 66.94 -11.95 24.69
C LYS D 225 67.81 -11.69 23.44
N HIS D 226 67.27 -10.90 22.51
CA HIS D 226 67.99 -10.56 21.28
C HIS D 226 68.42 -9.10 21.31
N ALA D 227 68.76 -8.62 22.50
CA ALA D 227 69.17 -7.21 22.70
C ALA D 227 70.11 -6.69 21.64
N GLY D 228 69.70 -5.64 20.94
CA GLY D 228 70.55 -5.07 19.93
C GLY D 228 70.28 -5.55 18.51
N SER D 229 69.49 -6.61 18.39
CA SER D 229 69.14 -7.19 17.09
C SER D 229 68.32 -6.15 16.31
N ARG D 230 68.88 -5.66 15.22
CA ARG D 230 68.23 -4.67 14.39
C ARG D 230 66.85 -5.14 13.98
N ILE D 231 66.78 -6.39 13.52
CA ILE D 231 65.53 -7.00 13.08
C ILE D 231 64.45 -7.00 14.17
N VAL D 232 64.85 -7.22 15.42
CA VAL D 232 63.92 -7.25 16.54
C VAL D 232 63.36 -5.86 16.81
N GLU D 233 64.24 -4.86 16.84
CA GLU D 233 63.84 -3.49 17.06
C GLU D 233 62.78 -3.10 16.02
N GLU D 234 63.00 -3.49 14.77
CA GLU D 234 62.06 -3.18 13.69
C GLU D 234 60.77 -3.97 13.77
N LEU D 235 60.89 -5.29 13.87
CA LEU D 235 59.73 -6.18 13.97
C LEU D 235 58.70 -5.66 14.97
N ILE D 236 59.18 -5.24 16.14
CA ILE D 236 58.30 -4.68 17.18
C ILE D 236 57.57 -3.47 16.62
N THR D 237 58.32 -2.61 15.93
CA THR D 237 57.75 -1.39 15.34
C THR D 237 56.59 -1.74 14.40
N SER D 238 56.76 -2.77 13.58
CA SER D 238 55.72 -3.19 12.66
C SER D 238 54.51 -3.72 13.42
N ASN D 239 54.74 -4.41 14.53
CA ASN D 239 53.64 -4.92 15.33
C ASN D 239 52.83 -3.78 15.93
N HIS D 240 53.53 -2.75 16.41
CA HIS D 240 52.87 -1.60 17.02
C HIS D 240 52.21 -0.73 15.96
N HIS D 241 52.81 -0.65 14.79
CA HIS D 241 52.22 0.15 13.73
C HIS D 241 50.95 -0.51 13.21
N GLU D 242 50.93 -1.84 13.17
CA GLU D 242 49.76 -2.53 12.69
C GLU D 242 48.62 -2.44 13.68
N ALA D 243 48.96 -2.45 14.97
CA ALA D 243 47.96 -2.37 16.02
C ALA D 243 47.32 -0.99 16.01
N GLU D 244 48.12 0.04 15.72
CA GLU D 244 47.62 1.42 15.68
C GLU D 244 46.64 1.57 14.53
N LEU D 245 47.04 1.09 13.36
CA LEU D 245 46.21 1.16 12.16
C LEU D 245 44.87 0.49 12.42
N TYR D 246 44.89 -0.71 13.01
CA TYR D 246 43.65 -1.44 13.33
C TYR D 246 42.80 -0.66 14.32
N SER D 247 43.48 -0.07 15.29
CA SER D 247 42.86 0.72 16.34
C SER D 247 42.19 1.97 15.76
N LYS D 248 42.68 2.39 14.60
CA LYS D 248 42.15 3.58 13.96
C LYS D 248 41.16 3.31 12.83
N TYR D 249 41.31 2.19 12.13
CA TYR D 249 40.44 1.85 11.02
C TYR D 249 39.66 0.55 11.18
N LYS D 250 39.61 0.03 12.42
CA LYS D 250 38.91 -1.23 12.72
C LYS D 250 37.52 -1.26 12.08
N ALA D 251 36.95 -0.09 11.81
CA ALA D 251 35.62 -0.02 11.20
C ALA D 251 35.61 -0.27 9.70
N TYR D 252 36.78 -0.20 9.07
CA TYR D 252 36.86 -0.37 7.63
C TYR D 252 37.43 -1.71 7.15
N TYR D 253 37.94 -2.53 8.06
CA TYR D 253 38.48 -3.81 7.63
C TYR D 253 38.64 -4.83 8.74
N GLY D 254 38.98 -6.05 8.33
CA GLY D 254 39.18 -7.13 9.27
C GLY D 254 39.22 -8.47 8.58
N TYR D 255 38.91 -9.51 9.34
CA TYR D 255 38.88 -10.87 8.82
C TYR D 255 37.45 -11.41 8.75
N ALA D 256 37.18 -12.19 7.72
CA ALA D 256 35.87 -12.80 7.57
C ALA D 256 36.12 -14.27 7.30
N PHE D 257 35.32 -15.12 7.94
CA PHE D 257 35.47 -16.56 7.77
C PHE D 257 34.57 -16.99 6.64
N PHE D 258 35.06 -17.89 5.79
CA PHE D 258 34.30 -18.39 4.63
C PHE D 258 34.28 -19.91 4.63
N ILE D 259 33.09 -20.48 4.76
CA ILE D 259 32.95 -21.94 4.72
C ILE D 259 32.43 -22.20 3.30
N CYS D 260 33.21 -22.96 2.54
CA CYS D 260 32.89 -23.26 1.15
C CYS D 260 32.75 -24.75 0.89
N LYS D 261 31.69 -25.12 0.17
CA LYS D 261 31.43 -26.51 -0.15
C LYS D 261 31.72 -26.77 -1.63
N LYS D 262 32.69 -27.64 -1.91
CA LYS D 262 33.02 -27.97 -3.30
C LYS D 262 31.74 -28.41 -4.01
N GLY D 263 31.43 -27.72 -5.11
CA GLY D 263 30.24 -28.01 -5.88
C GLY D 263 30.20 -29.26 -6.76
N PHE D 264 29.47 -29.15 -7.87
CA PHE D 264 29.26 -30.23 -8.85
C PHE D 264 28.34 -31.34 -8.32
#